data_5TUI
#
_entry.id   5TUI
#
_cell.length_a   51.100
_cell.length_b   107.220
_cell.length_c   152.630
_cell.angle_alpha   90.00
_cell.angle_beta   90.00
_cell.angle_gamma   90.00
#
_symmetry.space_group_name_H-M   'P 21 21 21'
#
loop_
_entity.id
_entity.type
_entity.pdbx_description
1 polymer 'Tetracycline destructase Tet(50)'
2 non-polymer 'SULFATE ION'
3 non-polymer 'FLAVIN-ADENINE DINUCLEOTIDE'
4 non-polymer 7-CHLOROTETRACYCLINE
5 water water
#
_entity_poly.entity_id   1
_entity_poly.type   'polypeptide(L)'
_entity_poly.pdbx_seq_one_letter_code
;MGSSHHHHHHSSGLVPRGSHMMTKHIKILVIGVGVAGPAVAYWLKRFGFSPVLIEKSAAVRKGGQALDIRGIATHIAKEM
GIYDQICNMRTQIKCGRYVDVKGNVLHEEQGETFGFRQDDEVEILRGDLVEILMKAIADIPCEFKQSVIKIEQNEDSVTV
TYKDGRVENYDLVIAADGIHSATRGMVFSKNEYQLINLGSYVSAFTIPNYLGLDHMELLCESNHKLVTLQSDSQADKAMA
GFMFRSKHVLEDIRDEQEQKHFLHASFQNFGWETQNILNRMPESDDFYFDAITQIKMKSWTKGRIALIGDAAYCPSPLSG
QGNNLAFVGAYILAGELKKADGDYIQAFTRYNELLHPFVEANQQFGVWVSESFLLKDDEVSKEIAEARSNKILAMIKSVS
NSINLPQYE
;
_entity_poly.pdbx_strand_id   A,B
#
# COMPACT_ATOMS: atom_id res chain seq x y z
N MET A 22 -14.56 -32.00 13.59
CA MET A 22 -14.63 -32.43 12.16
C MET A 22 -13.91 -31.42 11.26
N THR A 23 -13.83 -31.71 9.96
CA THR A 23 -13.16 -30.79 9.05
C THR A 23 -13.84 -29.43 9.05
N LYS A 24 -15.16 -29.40 9.26
CA LYS A 24 -15.89 -28.13 9.35
C LYS A 24 -15.30 -27.19 10.39
N HIS A 25 -14.78 -27.72 11.48
CA HIS A 25 -14.31 -26.88 12.58
C HIS A 25 -12.84 -26.50 12.44
N ILE A 26 -12.17 -26.93 11.37
CA ILE A 26 -10.82 -26.47 11.10
C ILE A 26 -10.88 -25.02 10.65
N LYS A 27 -10.10 -24.15 11.30
CA LYS A 27 -10.07 -22.73 10.97
C LYS A 27 -8.99 -22.47 9.91
N ILE A 28 -9.39 -21.98 8.74
CA ILE A 28 -8.45 -21.71 7.66
C ILE A 28 -8.56 -20.26 7.22
N LEU A 29 -7.43 -19.56 7.26
CA LEU A 29 -7.32 -18.17 6.77
C LEU A 29 -6.76 -18.22 5.36
N VAL A 30 -7.48 -17.65 4.40
CA VAL A 30 -6.99 -17.48 3.04
C VAL A 30 -6.68 -16.01 2.77
N ILE A 31 -5.43 -15.73 2.40
CA ILE A 31 -4.95 -14.37 2.21
C ILE A 31 -4.91 -14.05 0.71
N GLY A 32 -5.73 -13.08 0.35
CA GLY A 32 -5.86 -12.36 -0.91
C GLY A 32 -7.06 -12.74 -1.76
N VAL A 33 -7.69 -11.70 -2.33
CA VAL A 33 -8.80 -11.95 -3.25
C VAL A 33 -8.28 -11.60 -4.63
N GLY A 34 -7.63 -12.60 -5.20
CA GLY A 34 -7.17 -12.75 -6.54
C GLY A 34 -7.96 -13.82 -7.20
N VAL A 35 -7.22 -14.63 -7.95
CA VAL A 35 -7.73 -15.88 -8.50
C VAL A 35 -7.58 -17.03 -7.50
N ALA A 36 -6.33 -17.33 -7.09
CA ALA A 36 -6.06 -18.52 -6.31
C ALA A 36 -6.78 -18.53 -4.96
N GLY A 37 -6.85 -17.38 -4.28
CA GLY A 37 -7.46 -17.32 -2.96
C GLY A 37 -8.94 -17.68 -3.00
N PRO A 38 -9.70 -16.95 -3.83
CA PRO A 38 -11.13 -17.27 -3.98
C PRO A 38 -11.38 -18.66 -4.55
N ALA A 39 -10.50 -19.15 -5.43
CA ALA A 39 -10.69 -20.50 -5.96
C ALA A 39 -10.42 -21.55 -4.90
N VAL A 40 -9.36 -21.39 -4.09
CA VAL A 40 -9.10 -22.42 -3.07
C VAL A 40 -10.15 -22.32 -2.00
N ALA A 41 -10.68 -21.12 -1.75
CA ALA A 41 -11.76 -20.99 -0.78
C ALA A 41 -13.00 -21.72 -1.27
N TYR A 42 -13.32 -21.55 -2.55
CA TYR A 42 -14.43 -22.28 -3.14
C TYR A 42 -14.27 -23.79 -2.91
N TRP A 43 -13.10 -24.33 -3.23
CA TRP A 43 -12.97 -25.77 -3.19
C TRP A 43 -12.92 -26.29 -1.76
N LEU A 44 -12.29 -25.54 -0.85
CA LEU A 44 -12.25 -25.95 0.53
C LEU A 44 -13.65 -26.05 1.10
N LYS A 45 -14.49 -25.05 0.82
CA LYS A 45 -15.87 -25.04 1.30
C LYS A 45 -16.64 -26.23 0.74
N ARG A 46 -16.53 -26.45 -0.57
CA ARG A 46 -17.23 -27.54 -1.22
C ARG A 46 -16.82 -28.88 -0.63
N PHE A 47 -15.58 -28.96 -0.18
CA PHE A 47 -14.98 -30.18 0.34
C PHE A 47 -15.14 -30.30 1.84
N GLY A 48 -15.91 -29.41 2.47
CA GLY A 48 -16.28 -29.55 3.87
C GLY A 48 -15.52 -28.70 4.87
N PHE A 49 -14.71 -27.76 4.42
CA PHE A 49 -14.00 -26.89 5.34
C PHE A 49 -14.68 -25.50 5.41
N SER A 50 -14.12 -24.66 6.27
CA SER A 50 -14.71 -23.38 6.66
C SER A 50 -13.67 -22.29 6.52
N PRO A 51 -13.27 -21.96 5.29
CA PRO A 51 -12.29 -20.88 5.08
C PRO A 51 -12.90 -19.50 5.28
N VAL A 52 -12.03 -18.54 5.60
CA VAL A 52 -12.35 -17.12 5.58
C VAL A 52 -11.27 -16.42 4.76
N LEU A 53 -11.64 -15.30 4.13
CA LEU A 53 -10.74 -14.56 3.26
C LEU A 53 -10.45 -13.15 3.77
N ILE A 54 -9.25 -12.65 3.49
CA ILE A 54 -8.92 -11.26 3.69
C ILE A 54 -8.29 -10.72 2.40
N GLU A 55 -8.40 -9.42 2.22
CA GLU A 55 -7.82 -8.71 1.09
C GLU A 55 -7.32 -7.35 1.57
N LYS A 56 -6.09 -7.01 1.21
CA LYS A 56 -5.50 -5.73 1.60
C LYS A 56 -6.22 -4.55 0.96
N SER A 57 -6.60 -4.68 -0.32
CA SER A 57 -7.26 -3.63 -1.09
C SER A 57 -8.67 -3.39 -0.61
N ALA A 58 -9.21 -2.22 -0.98
CA ALA A 58 -10.59 -1.92 -0.57
C ALA A 58 -11.61 -2.76 -1.32
N ALA A 59 -11.33 -3.14 -2.56
CA ALA A 59 -12.29 -3.89 -3.36
C ALA A 59 -11.55 -4.57 -4.49
N VAL A 60 -12.25 -5.53 -5.10
CA VAL A 60 -11.77 -6.15 -6.34
C VAL A 60 -11.41 -5.07 -7.34
N ARG A 61 -10.20 -5.15 -7.88
CA ARG A 61 -9.75 -4.19 -8.90
C ARG A 61 -10.44 -4.51 -10.21
N LYS A 62 -11.08 -3.53 -10.81
CA LYS A 62 -11.75 -3.75 -12.07
C LYS A 62 -10.75 -3.84 -13.23
N GLY A 63 -11.14 -4.55 -14.27
CA GLY A 63 -10.29 -4.63 -15.45
C GLY A 63 -8.99 -5.37 -15.17
N GLY A 64 -7.87 -4.81 -15.64
CA GLY A 64 -6.59 -5.43 -15.45
C GLY A 64 -6.21 -6.31 -16.62
N GLN A 65 -5.18 -7.12 -16.37
CA GLN A 65 -4.65 -7.98 -17.40
C GLN A 65 -5.66 -9.06 -17.82
N ALA A 66 -5.51 -9.52 -19.05
CA ALA A 66 -6.37 -10.56 -19.62
C ALA A 66 -5.79 -11.92 -19.22
N LEU A 67 -6.62 -12.76 -18.61
CA LEU A 67 -6.22 -14.09 -18.14
C LEU A 67 -6.79 -15.17 -19.05
N ASP A 68 -6.00 -16.22 -19.27
CA ASP A 68 -6.42 -17.36 -20.08
C ASP A 68 -6.81 -18.53 -19.20
N ILE A 69 -7.86 -19.24 -19.61
CA ILE A 69 -8.22 -20.52 -19.06
C ILE A 69 -8.06 -21.54 -20.17
N ARG A 70 -7.06 -22.42 -20.04
CA ARG A 70 -6.67 -23.34 -21.08
C ARG A 70 -6.54 -24.75 -20.51
N GLY A 71 -6.59 -25.73 -21.42
CA GLY A 71 -6.34 -27.13 -21.04
C GLY A 71 -7.21 -27.58 -19.87
N ILE A 72 -6.57 -28.27 -18.91
CA ILE A 72 -7.32 -28.86 -17.80
CA ILE A 72 -7.28 -28.85 -17.75
C ILE A 72 -8.06 -27.81 -16.97
N ALA A 73 -7.62 -26.54 -16.99
CA ALA A 73 -8.28 -25.56 -16.17
C ALA A 73 -9.72 -25.28 -16.62
N THR A 74 -10.07 -25.53 -17.89
CA THR A 74 -11.47 -25.34 -18.27
C THR A 74 -12.36 -26.36 -17.58
N HIS A 75 -11.86 -27.59 -17.39
CA HIS A 75 -12.60 -28.59 -16.64
C HIS A 75 -12.89 -28.11 -15.22
N ILE A 76 -11.88 -27.53 -14.56
CA ILE A 76 -12.07 -27.09 -13.19
C ILE A 76 -13.11 -25.98 -13.14
N ALA A 77 -13.01 -25.03 -14.08
CA ALA A 77 -13.97 -23.94 -14.10
C ALA A 77 -15.38 -24.46 -14.32
N LYS A 78 -15.54 -25.43 -15.24
CA LYS A 78 -16.86 -26.02 -15.45
C LYS A 78 -17.38 -26.69 -14.19
N GLU A 79 -16.51 -27.41 -13.46
CA GLU A 79 -16.98 -28.03 -12.22
C GLU A 79 -17.37 -27.01 -11.15
N MET A 80 -16.72 -25.85 -11.11
CA MET A 80 -17.04 -24.79 -10.15
C MET A 80 -18.35 -24.11 -10.47
N GLY A 81 -18.90 -24.36 -11.65
CA GLY A 81 -20.17 -23.79 -12.06
C GLY A 81 -20.09 -22.40 -12.63
N ILE A 82 -18.88 -21.93 -12.92
CA ILE A 82 -18.63 -20.56 -13.37
C ILE A 82 -18.30 -20.46 -14.85
N TYR A 83 -18.22 -21.57 -15.60
CA TYR A 83 -17.66 -21.49 -16.94
C TYR A 83 -18.53 -20.63 -17.86
N ASP A 84 -19.84 -20.81 -17.81
CA ASP A 84 -20.70 -20.00 -18.66
C ASP A 84 -20.61 -18.52 -18.30
N GLN A 85 -20.49 -18.21 -17.00
CA GLN A 85 -20.38 -16.79 -16.61
C GLN A 85 -19.09 -16.20 -17.13
N ILE A 86 -18.00 -16.97 -17.06
CA ILE A 86 -16.74 -16.51 -17.66
C ILE A 86 -16.93 -16.24 -19.15
N CYS A 87 -17.58 -17.17 -19.87
CA CYS A 87 -17.71 -16.99 -21.30
C CYS A 87 -18.56 -15.75 -21.62
N ASN A 88 -19.56 -15.45 -20.77
CA ASN A 88 -20.37 -14.24 -20.98
C ASN A 88 -19.53 -12.98 -20.88
N MET A 89 -18.51 -12.97 -20.01
CA MET A 89 -17.59 -11.86 -19.78
C MET A 89 -16.29 -11.97 -20.57
N ARG A 90 -16.17 -12.89 -21.52
CA ARG A 90 -14.91 -13.11 -22.19
C ARG A 90 -14.48 -11.90 -23.03
N THR A 91 -13.16 -11.81 -23.25
CA THR A 91 -12.60 -10.85 -24.19
C THR A 91 -13.08 -11.17 -25.61
N GLN A 92 -13.34 -10.10 -26.34
CA GLN A 92 -13.96 -10.11 -27.67
C GLN A 92 -13.08 -9.68 -28.85
N ILE A 93 -11.75 -9.75 -28.75
CA ILE A 93 -10.94 -9.43 -29.93
C ILE A 93 -11.37 -10.29 -31.11
N LYS A 94 -11.72 -9.64 -32.24
CA LYS A 94 -12.12 -10.35 -33.45
C LYS A 94 -10.94 -10.79 -34.28
N CYS A 95 -9.90 -9.94 -34.37
CA CYS A 95 -8.71 -10.36 -35.08
C CYS A 95 -7.49 -9.65 -34.52
N GLY A 96 -6.39 -10.38 -34.45
CA GLY A 96 -5.08 -9.82 -34.22
C GLY A 96 -4.25 -9.76 -35.50
N ARG A 97 -3.37 -8.77 -35.57
CA ARG A 97 -2.49 -8.63 -36.71
C ARG A 97 -1.06 -8.40 -36.24
N TYR A 98 -0.17 -9.17 -36.82
CA TYR A 98 1.26 -8.90 -36.81
C TYR A 98 1.53 -7.87 -37.90
N VAL A 99 2.06 -6.71 -37.53
CA VAL A 99 2.34 -5.63 -38.48
C VAL A 99 3.82 -5.26 -38.42
N ASP A 100 4.36 -4.83 -39.57
CA ASP A 100 5.69 -4.27 -39.57
C ASP A 100 5.64 -2.79 -39.14
N VAL A 101 6.81 -2.16 -39.02
CA VAL A 101 6.86 -0.81 -38.49
C VAL A 101 6.22 0.20 -39.42
N LYS A 102 6.00 -0.16 -40.69
CA LYS A 102 5.30 0.71 -41.63
C LYS A 102 3.81 0.41 -41.70
N GLY A 103 3.30 -0.46 -40.84
CA GLY A 103 1.88 -0.69 -40.74
C GLY A 103 1.33 -1.72 -41.71
N ASN A 104 2.18 -2.34 -42.50
CA ASN A 104 1.73 -3.44 -43.36
C ASN A 104 1.38 -4.65 -42.50
N VAL A 105 0.30 -5.33 -42.87
CA VAL A 105 -0.07 -6.58 -42.23
C VAL A 105 0.79 -7.72 -42.75
N LEU A 106 1.55 -8.32 -41.86
CA LEU A 106 2.27 -9.55 -42.17
C LEU A 106 1.44 -10.82 -41.98
N HIS A 107 0.72 -10.91 -40.87
CA HIS A 107 -0.05 -12.11 -40.57
C HIS A 107 -1.24 -11.70 -39.73
N GLU A 108 -2.42 -12.20 -40.07
CA GLU A 108 -3.66 -11.91 -39.35
C GLU A 108 -4.28 -13.23 -38.89
N GLU A 109 -4.78 -13.26 -37.65
CA GLU A 109 -5.51 -14.40 -37.11
C GLU A 109 -6.78 -13.95 -36.41
N GLN A 110 -7.77 -14.85 -36.42
CA GLN A 110 -8.97 -14.66 -35.62
C GLN A 110 -8.56 -14.59 -34.16
N GLY A 111 -9.39 -13.91 -33.37
CA GLY A 111 -8.97 -13.50 -32.03
C GLY A 111 -8.50 -14.64 -31.12
N GLU A 112 -9.25 -15.74 -31.05
CA GLU A 112 -8.87 -16.83 -30.15
C GLU A 112 -7.56 -17.47 -30.60
N THR A 113 -7.45 -17.79 -31.88
CA THR A 113 -6.20 -18.29 -32.42
C THR A 113 -5.03 -17.34 -32.17
N PHE A 114 -5.27 -16.03 -32.34
CA PHE A 114 -4.24 -15.03 -32.13
C PHE A 114 -3.67 -15.12 -30.71
N GLY A 115 -4.53 -15.37 -29.73
CA GLY A 115 -4.21 -15.51 -28.34
C GLY A 115 -3.78 -16.90 -27.92
N PHE A 116 -3.58 -17.79 -28.87
CA PHE A 116 -3.13 -19.17 -28.62
C PHE A 116 -4.15 -19.97 -27.80
N ARG A 117 -5.44 -19.77 -28.13
CA ARG A 117 -6.56 -20.50 -27.54
C ARG A 117 -7.32 -21.27 -28.62
N GLN A 118 -7.93 -22.37 -28.21
CA GLN A 118 -8.73 -23.20 -29.11
C GLN A 118 -9.79 -23.92 -28.28
N ASP A 119 -10.76 -24.51 -28.96
CA ASP A 119 -11.73 -25.41 -28.29
C ASP A 119 -12.53 -24.60 -27.27
N ASP A 120 -12.62 -25.06 -26.02
CA ASP A 120 -13.43 -24.45 -24.99
C ASP A 120 -12.63 -23.41 -24.21
N GLU A 121 -11.40 -23.13 -24.64
CA GLU A 121 -10.54 -22.23 -23.89
C GLU A 121 -11.05 -20.80 -24.04
N VAL A 122 -10.75 -19.95 -23.06
CA VAL A 122 -11.39 -18.63 -23.00
C VAL A 122 -10.46 -17.64 -22.29
N GLU A 123 -10.64 -16.36 -22.60
CA GLU A 123 -9.86 -15.31 -21.98
C GLU A 123 -10.78 -14.29 -21.35
N ILE A 124 -10.39 -13.77 -20.19
CA ILE A 124 -11.24 -12.88 -19.41
C ILE A 124 -10.34 -11.91 -18.65
N LEU A 125 -10.74 -10.64 -18.55
CA LEU A 125 -9.97 -9.71 -17.74
C LEU A 125 -10.00 -10.12 -16.27
N ARG A 126 -8.87 -9.94 -15.59
CA ARG A 126 -8.71 -10.41 -14.21
C ARG A 126 -9.89 -9.95 -13.34
N GLY A 127 -10.21 -8.66 -13.39
CA GLY A 127 -11.23 -8.15 -12.50
C GLY A 127 -12.58 -8.79 -12.73
N ASP A 128 -12.90 -9.07 -13.98
CA ASP A 128 -14.18 -9.73 -14.27
C ASP A 128 -14.16 -11.18 -13.77
N LEU A 129 -13.01 -11.84 -13.83
CA LEU A 129 -12.93 -13.21 -13.32
C LEU A 129 -13.05 -13.22 -11.80
N VAL A 130 -12.38 -12.29 -11.14
CA VAL A 130 -12.42 -12.26 -9.68
C VAL A 130 -13.83 -11.97 -9.19
N GLU A 131 -14.54 -11.09 -9.88
CA GLU A 131 -15.94 -10.82 -9.55
C GLU A 131 -16.77 -12.11 -9.58
N ILE A 132 -16.62 -12.90 -10.64
CA ILE A 132 -17.33 -14.16 -10.77
C ILE A 132 -16.94 -15.12 -9.67
N LEU A 133 -15.64 -15.21 -9.38
CA LEU A 133 -15.19 -16.10 -8.33
C LEU A 133 -15.82 -15.71 -6.99
N MET A 134 -15.89 -14.40 -6.70
CA MET A 134 -16.43 -13.96 -5.43
C MET A 134 -17.93 -14.19 -5.36
N LYS A 135 -18.64 -14.03 -6.48
CA LYS A 135 -20.07 -14.36 -6.50
C LYS A 135 -20.30 -15.84 -6.27
N ALA A 136 -19.32 -16.70 -6.59
CA ALA A 136 -19.52 -18.12 -6.37
C ALA A 136 -19.29 -18.54 -4.92
N ILE A 137 -18.58 -17.73 -4.15
CA ILE A 137 -18.32 -17.92 -2.73
C ILE A 137 -19.12 -16.95 -1.82
N ALA A 138 -20.24 -16.41 -2.29
CA ALA A 138 -20.94 -15.37 -1.54
C ALA A 138 -21.14 -15.75 -0.07
N ASP A 139 -21.20 -17.05 0.23
CA ASP A 139 -21.38 -17.54 1.60
C ASP A 139 -20.11 -17.51 2.46
N ILE A 140 -18.95 -17.17 1.92
CA ILE A 140 -17.67 -17.27 2.64
C ILE A 140 -17.32 -15.90 3.20
N PRO A 141 -17.02 -15.78 4.50
CA PRO A 141 -16.65 -14.46 5.04
C PRO A 141 -15.42 -13.90 4.36
N CYS A 142 -15.49 -12.62 4.01
CA CYS A 142 -14.40 -11.91 3.36
C CYS A 142 -14.27 -10.51 3.96
N GLU A 143 -13.06 -10.13 4.35
CA GLU A 143 -12.76 -8.82 4.93
C GLU A 143 -11.78 -8.10 4.01
N PHE A 144 -12.22 -6.99 3.39
CA PHE A 144 -11.31 -6.14 2.63
C PHE A 144 -10.66 -5.12 3.56
N LYS A 145 -9.70 -4.36 3.01
CA LYS A 145 -8.88 -3.44 3.81
C LYS A 145 -8.24 -4.13 5.01
N GLN A 146 -7.74 -5.35 4.82
CA GLN A 146 -7.22 -6.11 5.94
C GLN A 146 -5.94 -6.78 5.48
N SER A 147 -4.95 -6.87 6.38
CA SER A 147 -3.69 -7.54 6.06
C SER A 147 -3.05 -8.02 7.35
N VAL A 148 -2.16 -9.00 7.21
CA VAL A 148 -1.44 -9.62 8.32
C VAL A 148 -0.05 -8.98 8.41
N ILE A 149 0.31 -8.45 9.58
CA ILE A 149 1.66 -7.90 9.73
C ILE A 149 2.63 -8.80 10.48
N LYS A 150 2.18 -9.90 11.07
CA LYS A 150 3.04 -10.85 11.76
C LYS A 150 2.38 -12.23 11.74
N ILE A 151 3.21 -13.27 11.59
CA ILE A 151 2.77 -14.66 11.61
C ILE A 151 3.75 -15.42 12.47
N GLU A 152 3.22 -16.22 13.37
CA GLU A 152 4.02 -17.10 14.19
C GLU A 152 3.29 -18.42 14.22
N GLN A 153 4.05 -19.50 14.28
CA GLN A 153 3.36 -20.78 14.35
C GLN A 153 4.13 -21.70 15.30
N ASN A 154 3.39 -22.66 15.82
CA ASN A 154 3.91 -23.74 16.63
C ASN A 154 3.20 -25.01 16.14
N GLU A 155 3.39 -26.13 16.83
CA GLU A 155 2.77 -27.36 16.36
C GLU A 155 1.24 -27.28 16.38
N ASP A 156 0.66 -26.51 17.31
CA ASP A 156 -0.79 -26.45 17.47
C ASP A 156 -1.51 -25.44 16.57
N SER A 157 -0.90 -24.31 16.24
CA SER A 157 -1.70 -23.17 15.78
C SER A 157 -0.85 -22.22 14.95
N VAL A 158 -1.53 -21.42 14.12
CA VAL A 158 -0.92 -20.24 13.50
C VAL A 158 -1.52 -19.01 14.17
N THR A 159 -0.68 -18.22 14.81
CA THR A 159 -1.09 -16.94 15.37
C THR A 159 -0.81 -15.84 14.35
N VAL A 160 -1.87 -15.13 13.97
CA VAL A 160 -1.81 -14.05 12.99
CA VAL A 160 -1.78 -14.05 13.00
C VAL A 160 -2.05 -12.73 13.70
N THR A 161 -1.25 -11.71 13.38
CA THR A 161 -1.48 -10.35 13.86
C THR A 161 -1.93 -9.51 12.68
N TYR A 162 -3.11 -8.94 12.78
CA TYR A 162 -3.60 -8.05 11.74
C TYR A 162 -2.96 -6.66 11.88
N LYS A 163 -3.25 -5.82 10.88
CA LYS A 163 -2.53 -4.55 10.76
C LYS A 163 -2.78 -3.66 11.98
N ASP A 164 -3.94 -3.78 12.61
CA ASP A 164 -4.28 -2.93 13.74
C ASP A 164 -3.86 -3.51 15.09
N GLY A 165 -3.14 -4.62 15.10
CA GLY A 165 -2.67 -5.25 16.32
C GLY A 165 -3.52 -6.41 16.80
N ARG A 166 -4.77 -6.52 16.32
CA ARG A 166 -5.63 -7.63 16.71
C ARG A 166 -4.98 -8.94 16.31
N VAL A 167 -5.12 -9.94 17.18
CA VAL A 167 -4.54 -11.25 17.02
C VAL A 167 -5.66 -12.27 16.85
N GLU A 168 -5.43 -13.27 15.99
CA GLU A 168 -6.33 -14.40 15.89
C GLU A 168 -5.53 -15.67 15.59
N ASN A 169 -6.06 -16.80 16.01
CA ASN A 169 -5.39 -18.07 15.80
C ASN A 169 -6.16 -18.89 14.79
N TYR A 170 -5.41 -19.53 13.89
CA TYR A 170 -5.96 -20.38 12.87
C TYR A 170 -5.24 -21.73 12.89
N ASP A 171 -5.95 -22.75 12.39
CA ASP A 171 -5.31 -24.05 12.22
C ASP A 171 -4.34 -24.01 11.04
N LEU A 172 -4.76 -23.41 9.94
CA LEU A 172 -3.95 -23.31 8.73
C LEU A 172 -4.06 -21.89 8.16
N VAL A 173 -3.01 -21.45 7.46
CA VAL A 173 -3.03 -20.22 6.64
C VAL A 173 -2.62 -20.57 5.20
N ILE A 174 -3.44 -20.18 4.24
CA ILE A 174 -3.13 -20.35 2.81
C ILE A 174 -3.00 -18.94 2.21
N ALA A 175 -1.80 -18.62 1.73
CA ALA A 175 -1.48 -17.29 1.22
C ALA A 175 -1.45 -17.28 -0.28
N ALA A 176 -2.42 -16.58 -0.84
CA ALA A 176 -2.70 -16.26 -2.24
C ALA A 176 -2.36 -14.83 -2.63
N ASP A 177 -1.41 -14.19 -1.96
CA ASP A 177 -1.19 -12.74 -2.01
C ASP A 177 -0.29 -12.24 -3.16
N GLY A 178 -0.01 -13.05 -4.18
CA GLY A 178 0.53 -12.55 -5.43
C GLY A 178 2.05 -12.68 -5.48
N ILE A 179 2.57 -12.29 -6.64
CA ILE A 179 3.97 -12.59 -6.98
C ILE A 179 4.91 -11.93 -5.98
N HIS A 180 4.55 -10.76 -5.45
CA HIS A 180 5.39 -10.01 -4.53
C HIS A 180 5.14 -10.37 -3.05
N SER A 181 4.57 -11.53 -2.80
CA SER A 181 3.93 -11.95 -1.56
C SER A 181 4.69 -11.57 -0.29
N ALA A 182 3.98 -10.85 0.57
CA ALA A 182 4.53 -10.57 1.89
C ALA A 182 4.62 -11.82 2.74
N THR A 183 3.63 -12.74 2.60
CA THR A 183 3.66 -13.93 3.42
C THR A 183 4.89 -14.77 3.12
N ARG A 184 5.25 -14.87 1.84
CA ARG A 184 6.44 -15.64 1.47
C ARG A 184 7.66 -15.08 2.16
N GLY A 185 7.82 -13.77 2.12
CA GLY A 185 8.93 -13.15 2.81
C GLY A 185 8.89 -13.29 4.33
N MET A 186 7.68 -13.38 4.91
CA MET A 186 7.55 -13.48 6.37
C MET A 186 7.85 -14.89 6.87
N VAL A 187 7.63 -15.88 6.03
CA VAL A 187 7.61 -17.28 6.43
C VAL A 187 8.90 -17.98 6.02
N PHE A 188 9.31 -17.81 4.77
CA PHE A 188 10.43 -18.53 4.18
C PHE A 188 11.70 -17.66 4.17
N SER A 189 12.85 -18.31 4.27
CA SER A 189 14.12 -17.61 4.05
C SER A 189 14.50 -17.58 2.58
N LYS A 190 15.56 -16.82 2.27
CA LYS A 190 16.00 -16.66 0.88
C LYS A 190 16.63 -17.93 0.36
N ASN A 191 17.03 -18.81 1.26
CA ASN A 191 17.52 -20.10 0.85
C ASN A 191 16.40 -20.99 0.35
N GLU A 192 15.15 -20.65 0.66
CA GLU A 192 14.00 -21.48 0.37
C GLU A 192 13.21 -21.04 -0.86
N TYR A 193 13.61 -20.00 -1.55
CA TYR A 193 12.96 -19.67 -2.81
C TYR A 193 13.94 -18.89 -3.64
N GLN A 194 13.76 -18.97 -4.96
CA GLN A 194 14.50 -18.14 -5.91
C GLN A 194 13.58 -17.23 -6.67
N LEU A 195 14.04 -16.01 -6.93
CA LEU A 195 13.35 -15.08 -7.82
C LEU A 195 14.10 -15.14 -9.15
N ILE A 196 13.49 -15.77 -10.13
CA ILE A 196 14.18 -16.08 -11.37
C ILE A 196 13.88 -14.93 -12.34
N ASN A 197 14.92 -14.20 -12.71
CA ASN A 197 14.79 -13.05 -13.60
C ASN A 197 14.98 -13.54 -15.03
N LEU A 198 13.98 -13.30 -15.88
CA LEU A 198 14.04 -13.76 -17.26
C LEU A 198 14.65 -12.75 -18.21
N GLY A 199 15.16 -11.63 -17.71
CA GLY A 199 15.95 -10.76 -18.57
C GLY A 199 15.13 -9.81 -19.38
N SER A 200 13.92 -9.52 -18.92
CA SER A 200 13.00 -8.73 -19.71
C SER A 200 12.06 -7.97 -18.78
N TYR A 201 11.39 -7.00 -19.38
CA TYR A 201 10.51 -6.10 -18.70
C TYR A 201 9.19 -6.08 -19.45
N VAL A 202 8.14 -5.75 -18.71
CA VAL A 202 6.78 -5.63 -19.25
C VAL A 202 6.14 -4.36 -18.73
N SER A 203 5.39 -3.68 -19.60
CA SER A 203 4.69 -2.46 -19.22
C SER A 203 3.37 -2.43 -19.97
N ALA A 204 2.35 -1.89 -19.32
CA ALA A 204 1.05 -1.72 -19.97
C ALA A 204 0.39 -0.48 -19.40
N PHE A 205 -0.40 0.17 -20.24
CA PHE A 205 -1.21 1.28 -19.79
C PHE A 205 -2.33 1.55 -20.77
N THR A 206 -3.36 2.22 -20.27
CA THR A 206 -4.56 2.57 -21.04
C THR A 206 -4.52 4.02 -21.49
N ILE A 207 -4.92 4.23 -22.74
CA ILE A 207 -4.90 5.52 -23.43
C ILE A 207 -6.17 5.64 -24.24
N PRO A 208 -6.51 6.85 -24.69
CA PRO A 208 -7.68 6.98 -25.58
C PRO A 208 -7.46 6.17 -26.84
N ASN A 209 -8.55 5.69 -27.43
CA ASN A 209 -8.39 4.88 -28.63
C ASN A 209 -8.38 5.87 -29.79
N TYR A 210 -7.18 6.36 -30.05
CA TYR A 210 -6.98 7.46 -30.98
C TYR A 210 -6.97 6.97 -32.43
N LEU A 211 -6.72 5.68 -32.64
CA LEU A 211 -6.80 5.07 -33.97
C LEU A 211 -8.18 4.58 -34.31
N GLY A 212 -9.08 4.49 -33.33
CA GLY A 212 -10.40 3.94 -33.56
C GLY A 212 -10.36 2.45 -33.84
N LEU A 213 -9.50 1.72 -33.14
CA LEU A 213 -9.53 0.27 -33.25
C LEU A 213 -10.86 -0.27 -32.76
N ASP A 214 -11.32 -1.36 -33.41
CA ASP A 214 -12.58 -1.99 -33.06
C ASP A 214 -12.33 -3.47 -32.82
N HIS A 215 -12.35 -3.88 -31.56
CA HIS A 215 -12.13 -5.30 -31.23
C HIS A 215 -10.96 -5.90 -32.01
N MET A 216 -9.82 -5.21 -31.98
CA MET A 216 -8.66 -5.58 -32.78
C MET A 216 -7.40 -5.32 -31.98
N GLU A 217 -6.40 -6.19 -32.18
CA GLU A 217 -5.07 -6.02 -31.60
C GLU A 217 -4.05 -6.02 -32.71
N LEU A 218 -3.10 -5.12 -32.56
CA LEU A 218 -1.94 -4.99 -33.43
C LEU A 218 -0.68 -5.32 -32.65
N LEU A 219 0.24 -6.03 -33.28
CA LEU A 219 1.48 -6.40 -32.63
C LEU A 219 2.67 -6.14 -33.56
N CYS A 220 3.62 -5.36 -33.09
CA CYS A 220 4.81 -5.01 -33.85
C CYS A 220 6.03 -5.45 -33.06
N GLU A 221 7.04 -6.01 -33.73
CA GLU A 221 8.21 -6.44 -33.00
C GLU A 221 9.48 -6.04 -33.72
N SER A 222 10.55 -6.00 -32.93
CA SER A 222 11.94 -5.91 -33.34
C SER A 222 12.73 -7.06 -32.69
N ASN A 223 14.05 -7.09 -32.84
CA ASN A 223 14.79 -8.26 -32.38
C ASN A 223 14.59 -8.49 -30.89
N HIS A 224 14.66 -7.42 -30.11
CA HIS A 224 14.54 -7.52 -28.65
C HIS A 224 13.25 -6.97 -28.05
N LYS A 225 12.32 -6.44 -28.84
CA LYS A 225 11.18 -5.72 -28.28
C LYS A 225 9.88 -6.05 -29.00
N LEU A 226 8.80 -5.88 -28.27
CA LEU A 226 7.46 -6.10 -28.79
C LEU A 226 6.55 -5.00 -28.26
N VAL A 227 5.65 -4.51 -29.10
CA VAL A 227 4.65 -3.52 -28.69
C VAL A 227 3.30 -4.01 -29.18
N THR A 228 2.29 -3.93 -28.32
CA THR A 228 0.93 -4.27 -28.72
C THR A 228 0.04 -3.07 -28.44
N LEU A 229 -1.00 -2.94 -29.25
CA LEU A 229 -2.04 -1.94 -29.04
C LEU A 229 -3.36 -2.57 -29.41
N GLN A 230 -4.38 -2.40 -28.57
CA GLN A 230 -5.65 -3.05 -28.82
C GLN A 230 -6.78 -2.22 -28.24
N SER A 231 -7.98 -2.43 -28.79
CA SER A 231 -9.21 -1.97 -28.18
C SER A 231 -10.21 -3.13 -28.17
N ASP A 232 -10.85 -3.36 -27.01
CA ASP A 232 -11.86 -4.42 -26.95
C ASP A 232 -13.16 -3.99 -26.31
N SER A 233 -13.26 -4.04 -24.99
CA SER A 233 -14.56 -3.82 -24.35
C SER A 233 -14.94 -2.35 -24.23
N GLN A 234 -13.98 -1.44 -24.23
CA GLN A 234 -14.26 -0.01 -24.12
C GLN A 234 -13.89 0.64 -25.44
N ALA A 235 -14.92 1.07 -26.20
CA ALA A 235 -14.71 1.55 -27.56
C ALA A 235 -13.82 2.77 -27.61
N ASP A 236 -13.82 3.60 -26.57
CA ASP A 236 -12.99 4.79 -26.61
C ASP A 236 -11.66 4.63 -25.89
N LYS A 237 -11.30 3.42 -25.47
CA LYS A 237 -10.00 3.16 -24.86
C LYS A 237 -9.21 2.13 -25.65
N ALA A 238 -7.89 2.25 -25.57
CA ALA A 238 -6.97 1.25 -26.10
C ALA A 238 -5.97 0.91 -24.99
N MET A 239 -5.55 -0.34 -24.95
CA MET A 239 -4.51 -0.81 -24.04
CA MET A 239 -4.50 -0.78 -24.04
C MET A 239 -3.22 -0.99 -24.83
N ALA A 240 -2.16 -0.35 -24.39
CA ALA A 240 -0.82 -0.50 -24.95
C ALA A 240 -0.03 -1.50 -24.11
N GLY A 241 0.82 -2.27 -24.76
CA GLY A 241 1.71 -3.14 -24.02
C GLY A 241 3.07 -3.18 -24.67
N PHE A 242 4.07 -3.41 -23.81
CA PHE A 242 5.49 -3.34 -24.16
C PHE A 242 6.17 -4.51 -23.47
N MET A 243 6.93 -5.30 -24.24
CA MET A 243 7.74 -6.35 -23.64
C MET A 243 9.09 -6.25 -24.31
N PHE A 244 10.16 -6.26 -23.51
CA PHE A 244 11.47 -6.15 -24.12
C PHE A 244 12.53 -6.76 -23.24
N ARG A 245 13.55 -7.29 -23.91
CA ARG A 245 14.72 -7.85 -23.26
C ARG A 245 15.72 -6.74 -23.03
N SER A 246 16.24 -6.67 -21.81
CA SER A 246 17.25 -5.70 -21.46
C SER A 246 18.08 -6.23 -20.31
N LYS A 247 19.38 -5.96 -20.31
CA LYS A 247 20.20 -6.28 -19.14
C LYS A 247 20.32 -5.12 -18.17
N HIS A 248 19.61 -4.03 -18.44
CA HIS A 248 19.65 -2.86 -17.58
C HIS A 248 18.93 -3.14 -16.26
N VAL A 249 19.50 -2.61 -15.19
CA VAL A 249 18.90 -2.68 -13.86
C VAL A 249 18.60 -1.25 -13.43
N LEU A 250 17.38 -1.04 -12.96
CA LEU A 250 17.00 0.27 -12.47
C LEU A 250 17.67 0.54 -11.12
N GLU A 251 17.89 1.83 -10.83
CA GLU A 251 18.35 2.21 -9.49
C GLU A 251 17.32 1.80 -8.45
N ASP A 252 16.04 2.13 -8.70
CA ASP A 252 14.93 1.65 -7.88
C ASP A 252 13.87 1.17 -8.85
N ILE A 253 13.64 -0.16 -8.86
CA ILE A 253 12.71 -0.77 -9.80
C ILE A 253 11.26 -0.45 -9.48
N ARG A 254 10.98 0.08 -8.29
CA ARG A 254 9.65 0.53 -7.97
C ARG A 254 9.45 2.02 -8.18
N ASP A 255 10.46 2.73 -8.69
CA ASP A 255 10.35 4.17 -8.92
C ASP A 255 9.63 4.37 -10.25
N GLU A 256 8.43 4.92 -10.21
CA GLU A 256 7.64 4.98 -11.43
C GLU A 256 8.20 5.99 -12.42
N GLN A 257 8.77 7.09 -11.95
CA GLN A 257 9.35 8.06 -12.89
C GLN A 257 10.60 7.49 -13.56
N GLU A 258 11.36 6.65 -12.86
CA GLU A 258 12.47 5.98 -13.50
C GLU A 258 11.94 4.96 -14.52
N GLN A 259 10.85 4.26 -14.16
CA GLN A 259 10.26 3.29 -15.09
C GLN A 259 9.88 3.97 -16.41
N LYS A 260 9.21 5.11 -16.33
CA LYS A 260 8.72 5.78 -17.52
C LYS A 260 9.87 6.35 -18.35
N HIS A 261 10.92 6.89 -17.70
CA HIS A 261 12.08 7.33 -18.46
C HIS A 261 12.77 6.16 -19.15
N PHE A 262 12.85 5.00 -18.49
CA PHE A 262 13.49 3.83 -19.08
C PHE A 262 12.68 3.29 -20.26
N LEU A 263 11.36 3.26 -20.10
CA LEU A 263 10.53 2.80 -21.19
C LEU A 263 10.64 3.73 -22.37
N HIS A 264 10.57 5.04 -22.10
CA HIS A 264 10.68 5.99 -23.19
C HIS A 264 12.05 5.86 -23.89
N ALA A 265 13.13 5.78 -23.13
CA ALA A 265 14.46 5.68 -23.73
C ALA A 265 14.64 4.39 -24.50
N SER A 266 14.05 3.31 -24.02
CA SER A 266 14.19 2.01 -24.69
C SER A 266 13.51 2.02 -26.05
N PHE A 267 12.37 2.71 -26.15
CA PHE A 267 11.56 2.68 -27.36
C PHE A 267 11.71 3.91 -28.26
N GLN A 268 12.63 4.83 -27.94
CA GLN A 268 12.74 6.07 -28.71
C GLN A 268 12.96 5.82 -30.20
N ASN A 269 13.66 4.74 -30.56
CA ASN A 269 13.96 4.40 -31.95
C ASN A 269 13.04 3.33 -32.56
N PHE A 270 11.99 2.90 -31.89
CA PHE A 270 11.26 1.71 -32.34
C PHE A 270 10.46 1.97 -33.63
N GLY A 271 9.82 3.13 -33.72
CA GLY A 271 8.99 3.46 -34.87
C GLY A 271 7.54 3.07 -34.65
N TRP A 272 6.83 2.93 -35.76
CA TRP A 272 5.42 2.48 -35.75
C TRP A 272 4.64 3.46 -34.85
N GLU A 273 3.73 2.97 -34.01
CA GLU A 273 2.82 3.77 -33.21
C GLU A 273 3.41 4.18 -31.86
N THR A 274 4.69 3.86 -31.58
CA THR A 274 5.21 4.03 -30.23
C THR A 274 5.37 5.50 -29.83
N GLN A 275 5.60 6.40 -30.77
CA GLN A 275 5.57 7.82 -30.42
C GLN A 275 4.16 8.24 -30.02
N ASN A 276 3.18 7.86 -30.83
CA ASN A 276 1.80 8.19 -30.50
C ASN A 276 1.37 7.59 -29.17
N ILE A 277 1.84 6.37 -28.86
CA ILE A 277 1.49 5.73 -27.60
C ILE A 277 2.19 6.40 -26.44
N LEU A 278 3.49 6.58 -26.56
CA LEU A 278 4.25 7.17 -25.47
C LEU A 278 3.92 8.63 -25.25
N ASN A 279 3.48 9.34 -26.30
CA ASN A 279 3.05 10.71 -26.11
C ASN A 279 1.81 10.79 -25.24
N ARG A 280 1.01 9.73 -25.16
CA ARG A 280 -0.17 9.67 -24.32
C ARG A 280 0.10 9.03 -22.95
N MET A 281 1.32 8.53 -22.73
CA MET A 281 1.60 7.83 -21.47
C MET A 281 1.41 8.72 -20.26
N PRO A 282 1.80 9.99 -20.28
CA PRO A 282 1.73 10.79 -19.05
C PRO A 282 0.32 10.90 -18.50
N GLU A 283 -0.69 10.91 -19.37
CA GLU A 283 -2.08 11.01 -18.94
C GLU A 283 -2.75 9.67 -18.62
N SER A 284 -2.12 8.52 -18.84
CA SER A 284 -2.73 7.24 -18.48
C SER A 284 -2.77 7.06 -16.97
N ASP A 285 -3.87 6.49 -16.44
CA ASP A 285 -4.04 6.32 -14.98
C ASP A 285 -3.81 4.92 -14.40
N ASP A 286 -3.66 3.88 -15.25
CA ASP A 286 -3.41 2.48 -14.90
C ASP A 286 -1.97 1.99 -15.14
N PHE A 287 -1.00 2.88 -15.26
CA PHE A 287 0.33 2.46 -15.67
C PHE A 287 0.85 1.30 -14.84
N TYR A 288 1.39 0.28 -15.52
CA TYR A 288 1.98 -0.92 -14.92
C TYR A 288 3.36 -1.13 -15.54
N PHE A 289 4.35 -1.42 -14.69
CA PHE A 289 5.68 -1.77 -15.15
C PHE A 289 6.28 -2.79 -14.21
N ASP A 290 6.92 -3.85 -14.72
CA ASP A 290 7.67 -4.76 -13.84
C ASP A 290 8.70 -5.55 -14.62
N ALA A 291 9.66 -6.09 -13.88
CA ALA A 291 10.50 -7.13 -14.42
C ALA A 291 9.72 -8.41 -14.58
N ILE A 292 10.12 -9.21 -15.55
CA ILE A 292 9.51 -10.51 -15.78
C ILE A 292 10.28 -11.54 -14.94
N THR A 293 9.58 -12.12 -13.96
CA THR A 293 10.17 -12.89 -12.87
C THR A 293 9.31 -14.13 -12.63
N GLN A 294 9.97 -15.24 -12.23
CA GLN A 294 9.31 -16.45 -11.77
C GLN A 294 9.70 -16.77 -10.33
N ILE A 295 8.80 -17.46 -9.64
CA ILE A 295 9.03 -17.86 -8.26
C ILE A 295 9.29 -19.36 -8.27
N LYS A 296 10.48 -19.77 -7.84
CA LYS A 296 10.86 -21.19 -7.79
C LYS A 296 11.11 -21.61 -6.34
N MET A 297 10.29 -22.51 -5.82
CA MET A 297 10.41 -22.99 -4.44
C MET A 297 10.44 -24.50 -4.40
N LYS A 298 11.39 -25.07 -3.66
CA LYS A 298 11.37 -26.53 -3.46
C LYS A 298 10.10 -26.95 -2.68
N SER A 299 9.73 -26.20 -1.64
CA SER A 299 8.50 -26.42 -0.90
C SER A 299 7.69 -25.13 -0.87
N TRP A 300 6.40 -25.22 -1.24
CA TRP A 300 5.48 -24.10 -1.11
C TRP A 300 4.90 -23.96 0.29
N THR A 301 5.30 -24.85 1.20
CA THR A 301 4.62 -24.98 2.49
C THR A 301 5.69 -25.09 3.57
N LYS A 302 5.36 -24.55 4.73
CA LYS A 302 6.15 -24.66 5.96
C LYS A 302 5.20 -24.81 7.14
N GLY A 303 5.27 -25.93 7.81
CA GLY A 303 4.36 -26.14 8.91
C GLY A 303 2.92 -26.09 8.47
N ARG A 304 2.18 -25.20 9.13
CA ARG A 304 0.73 -24.99 8.93
C ARG A 304 0.40 -23.93 7.85
N ILE A 305 1.41 -23.44 7.15
CA ILE A 305 1.28 -22.37 6.17
C ILE A 305 1.62 -22.88 4.78
N ALA A 306 0.75 -22.56 3.83
CA ALA A 306 0.96 -22.92 2.43
C ALA A 306 0.85 -21.68 1.55
N LEU A 307 1.73 -21.58 0.58
CA LEU A 307 1.62 -20.58 -0.47
C LEU A 307 0.92 -21.19 -1.68
N ILE A 308 0.17 -20.37 -2.39
CA ILE A 308 -0.53 -20.81 -3.58
C ILE A 308 -0.57 -19.67 -4.60
N GLY A 309 -0.85 -20.00 -5.86
CA GLY A 309 -0.87 -19.00 -6.94
C GLY A 309 0.49 -18.38 -7.19
N ASP A 310 0.48 -17.15 -7.71
CA ASP A 310 1.73 -16.47 -8.05
C ASP A 310 2.69 -16.40 -6.85
N ALA A 311 2.18 -16.27 -5.63
CA ALA A 311 3.05 -16.18 -4.45
C ALA A 311 4.00 -17.39 -4.38
N ALA A 312 3.49 -18.55 -4.73
CA ALA A 312 4.26 -19.77 -4.72
C ALA A 312 5.06 -20.02 -5.99
N TYR A 313 4.35 -19.93 -7.11
CA TYR A 313 4.84 -20.46 -8.38
C TYR A 313 4.77 -19.54 -9.61
N CYS A 314 4.64 -18.22 -9.47
CA CYS A 314 4.35 -17.39 -10.64
C CYS A 314 5.21 -17.79 -11.86
N PRO A 315 4.58 -18.15 -12.98
CA PRO A 315 5.29 -18.47 -14.24
C PRO A 315 5.74 -17.30 -15.10
N SER A 316 5.30 -16.09 -14.76
CA SER A 316 5.51 -14.81 -15.43
C SER A 316 4.56 -14.65 -16.61
N PRO A 317 4.32 -13.41 -17.02
CA PRO A 317 3.47 -13.15 -18.20
C PRO A 317 3.99 -13.71 -19.49
N LEU A 318 5.30 -13.97 -19.62
CA LEU A 318 5.75 -14.60 -20.86
C LEU A 318 5.18 -16.00 -21.02
N SER A 319 4.70 -16.62 -19.93
CA SER A 319 4.15 -17.97 -20.03
C SER A 319 2.69 -18.00 -20.48
N GLY A 320 1.89 -17.03 -20.03
CA GLY A 320 0.45 -17.06 -20.25
C GLY A 320 -0.28 -18.14 -19.50
N GLN A 321 0.37 -18.81 -18.55
CA GLN A 321 -0.19 -19.88 -17.75
C GLN A 321 -0.53 -19.51 -16.30
N GLY A 322 -0.32 -18.28 -15.83
CA GLY A 322 -0.46 -18.05 -14.40
C GLY A 322 -1.84 -18.41 -13.88
N ASN A 323 -2.86 -18.01 -14.61
CA ASN A 323 -4.20 -18.29 -14.17
C ASN A 323 -4.48 -19.79 -14.12
N ASN A 324 -3.98 -20.53 -15.11
CA ASN A 324 -4.10 -21.98 -15.09
C ASN A 324 -3.47 -22.59 -13.83
N LEU A 325 -2.28 -22.11 -13.46
CA LEU A 325 -1.63 -22.63 -12.26
C LEU A 325 -2.39 -22.26 -11.00
N ALA A 326 -3.04 -21.09 -10.97
CA ALA A 326 -3.86 -20.73 -9.81
C ALA A 326 -5.03 -21.70 -9.64
N PHE A 327 -5.73 -22.01 -10.74
CA PHE A 327 -6.88 -22.91 -10.70
C PHE A 327 -6.45 -24.33 -10.32
N VAL A 328 -5.38 -24.82 -10.93
CA VAL A 328 -4.97 -26.18 -10.65
C VAL A 328 -4.46 -26.31 -9.23
N GLY A 329 -3.67 -25.34 -8.78
CA GLY A 329 -3.19 -25.36 -7.40
C GLY A 329 -4.34 -25.33 -6.41
N ALA A 330 -5.34 -24.50 -6.66
CA ALA A 330 -6.47 -24.41 -5.73
C ALA A 330 -7.19 -25.76 -5.62
N TYR A 331 -7.48 -26.40 -6.75
CA TYR A 331 -8.14 -27.70 -6.75
C TYR A 331 -7.29 -28.75 -6.02
N ILE A 332 -5.98 -28.79 -6.27
CA ILE A 332 -5.17 -29.85 -5.68
C ILE A 332 -4.99 -29.63 -4.19
N LEU A 333 -4.67 -28.42 -3.78
CA LEU A 333 -4.47 -28.22 -2.35
C LEU A 333 -5.74 -28.56 -1.57
N ALA A 334 -6.90 -28.09 -2.05
CA ALA A 334 -8.14 -28.37 -1.35
C ALA A 334 -8.46 -29.87 -1.34
N GLY A 335 -8.28 -30.53 -2.49
CA GLY A 335 -8.59 -31.95 -2.55
C GLY A 335 -7.65 -32.79 -1.70
N GLU A 336 -6.37 -32.42 -1.65
CA GLU A 336 -5.49 -33.19 -0.79
C GLU A 336 -5.81 -32.97 0.69
N LEU A 337 -6.20 -31.76 1.07
CA LEU A 337 -6.71 -31.57 2.42
C LEU A 337 -7.96 -32.40 2.67
N LYS A 338 -8.84 -32.51 1.66
CA LYS A 338 -10.04 -33.33 1.80
C LYS A 338 -9.67 -34.80 2.03
N LYS A 339 -8.81 -35.34 1.18
CA LYS A 339 -8.40 -36.73 1.26
C LYS A 339 -7.56 -37.04 2.49
N ALA A 340 -6.90 -36.04 3.10
CA ALA A 340 -6.21 -36.18 4.36
C ALA A 340 -7.11 -35.92 5.58
N ASP A 341 -8.41 -35.68 5.38
CA ASP A 341 -9.32 -35.31 6.46
C ASP A 341 -8.74 -34.18 7.30
N GLY A 342 -8.10 -33.23 6.62
CA GLY A 342 -7.55 -32.06 7.24
C GLY A 342 -6.17 -32.23 7.82
N ASP A 343 -5.51 -33.37 7.63
CA ASP A 343 -4.17 -33.52 8.15
C ASP A 343 -3.28 -32.79 7.16
N TYR A 344 -2.75 -31.64 7.60
CA TYR A 344 -2.06 -30.73 6.72
C TYR A 344 -0.66 -31.22 6.44
N ILE A 345 -0.05 -31.95 7.39
CA ILE A 345 1.28 -32.47 7.10
C ILE A 345 1.21 -33.41 5.90
N GLN A 346 0.24 -34.31 5.90
CA GLN A 346 0.06 -35.22 4.77
C GLN A 346 -0.32 -34.47 3.50
N ALA A 347 -1.31 -33.58 3.61
CA ALA A 347 -1.86 -32.90 2.43
C ALA A 347 -0.85 -31.96 1.80
N PHE A 348 -0.10 -31.20 2.61
CA PHE A 348 0.88 -30.28 2.05
C PHE A 348 1.97 -31.03 1.30
N THR A 349 2.39 -32.18 1.82
CA THR A 349 3.39 -32.97 1.12
C THR A 349 2.87 -33.39 -0.26
N ARG A 350 1.63 -33.86 -0.31
CA ARG A 350 1.03 -34.26 -1.56
C ARG A 350 0.85 -33.08 -2.52
N TYR A 351 0.42 -31.93 -2.00
CA TYR A 351 0.32 -30.71 -2.78
C TYR A 351 1.64 -30.44 -3.49
N ASN A 352 2.73 -30.41 -2.73
CA ASN A 352 4.06 -30.18 -3.32
C ASN A 352 4.39 -31.24 -4.35
N GLU A 353 4.17 -32.51 -4.02
CA GLU A 353 4.68 -33.58 -4.88
C GLU A 353 3.88 -33.68 -6.17
N LEU A 354 2.56 -33.54 -6.07
CA LEU A 354 1.72 -33.76 -7.24
C LEU A 354 1.81 -32.60 -8.23
N LEU A 355 1.97 -31.37 -7.74
CA LEU A 355 1.93 -30.19 -8.59
C LEU A 355 3.27 -29.67 -9.10
N HIS A 356 4.41 -30.03 -8.50
CA HIS A 356 5.65 -29.41 -8.93
C HIS A 356 5.96 -29.69 -10.38
N PRO A 357 5.84 -30.92 -10.90
CA PRO A 357 6.20 -31.13 -12.31
C PRO A 357 5.36 -30.29 -13.25
N PHE A 358 4.06 -30.19 -12.99
CA PHE A 358 3.21 -29.39 -13.86
C PHE A 358 3.61 -27.92 -13.78
N VAL A 359 3.90 -27.42 -12.58
CA VAL A 359 4.35 -26.03 -12.46
C VAL A 359 5.64 -25.82 -13.25
N GLU A 360 6.59 -26.72 -13.06
CA GLU A 360 7.87 -26.63 -13.74
C GLU A 360 7.69 -26.64 -15.26
N ALA A 361 6.75 -27.45 -15.77
CA ALA A 361 6.55 -27.46 -17.22
C ALA A 361 6.05 -26.12 -17.73
N ASN A 362 5.14 -25.53 -16.97
CA ASN A 362 4.57 -24.25 -17.38
C ASN A 362 5.56 -23.11 -17.20
N GLN A 363 6.39 -23.15 -16.16
CA GLN A 363 7.45 -22.16 -16.04
C GLN A 363 8.46 -22.30 -17.16
N GLN A 364 8.82 -23.52 -17.52
CA GLN A 364 9.84 -23.69 -18.55
C GLN A 364 9.31 -23.23 -19.90
N PHE A 365 7.99 -23.33 -20.11
CA PHE A 365 7.40 -22.74 -21.30
C PHE A 365 7.62 -21.23 -21.31
N GLY A 366 7.43 -20.57 -20.18
CA GLY A 366 7.76 -19.15 -20.10
C GLY A 366 9.23 -18.89 -20.40
N VAL A 367 10.12 -19.67 -19.78
CA VAL A 367 11.54 -19.50 -20.08
C VAL A 367 11.78 -19.59 -21.58
N TRP A 368 11.17 -20.59 -22.22
CA TRP A 368 11.33 -20.77 -23.65
C TRP A 368 10.90 -19.54 -24.41
N VAL A 369 9.75 -18.98 -24.06
CA VAL A 369 9.29 -17.74 -24.68
C VAL A 369 10.34 -16.64 -24.50
N SER A 370 10.83 -16.47 -23.27
CA SER A 370 11.81 -15.41 -23.01
C SER A 370 13.05 -15.54 -23.88
N GLU A 371 13.44 -16.78 -24.20
CA GLU A 371 14.61 -17.03 -25.03
C GLU A 371 14.36 -17.05 -26.53
N SER A 372 13.31 -17.73 -27.01
CA SER A 372 13.08 -17.88 -28.46
C SER A 372 11.93 -17.14 -29.13
N PHE A 373 11.06 -16.41 -28.42
CA PHE A 373 9.93 -15.79 -29.12
C PHE A 373 10.43 -14.79 -30.15
N LEU A 374 11.27 -13.86 -29.73
CA LEU A 374 11.79 -12.85 -30.62
C LEU A 374 12.85 -13.43 -31.54
N LEU A 375 13.01 -12.79 -32.69
CA LEU A 375 14.07 -13.15 -33.62
C LEU A 375 15.30 -12.35 -33.20
N LYS A 376 16.32 -13.04 -32.74
CA LYS A 376 17.50 -12.32 -32.28
C LYS A 376 18.18 -11.60 -33.44
N ASP A 377 18.49 -12.34 -34.51
CA ASP A 377 19.25 -11.81 -35.64
C ASP A 377 18.40 -11.42 -36.87
N ASP A 378 17.08 -11.66 -36.89
CA ASP A 378 16.33 -11.59 -38.15
C ASP A 378 15.04 -10.77 -37.99
N GLU A 379 14.51 -10.36 -39.13
CA GLU A 379 13.30 -9.55 -39.19
C GLU A 379 12.08 -10.44 -39.39
N VAL A 380 10.99 -10.11 -38.70
CA VAL A 380 9.84 -10.99 -38.77
C VAL A 380 9.20 -10.86 -40.14
N SER A 381 8.51 -11.92 -40.53
CA SER A 381 7.89 -12.06 -41.82
C SER A 381 6.60 -12.82 -41.59
N LYS A 382 5.74 -12.85 -42.60
CA LYS A 382 4.55 -13.69 -42.51
C LYS A 382 4.91 -15.13 -42.14
N GLU A 383 5.89 -15.71 -42.84
CA GLU A 383 6.20 -17.12 -42.64
C GLU A 383 6.63 -17.40 -41.21
N ILE A 384 7.48 -16.55 -40.66
CA ILE A 384 7.97 -16.70 -39.30
C ILE A 384 6.83 -16.53 -38.29
N ALA A 385 6.07 -15.42 -38.41
CA ALA A 385 4.97 -15.18 -37.47
C ALA A 385 3.95 -16.31 -37.51
N GLU A 386 3.61 -16.79 -38.71
CA GLU A 386 2.63 -17.87 -38.79
C GLU A 386 3.20 -19.17 -38.19
N ALA A 387 4.44 -19.54 -38.54
CA ALA A 387 4.99 -20.79 -38.02
C ALA A 387 5.15 -20.73 -36.51
N ARG A 388 5.62 -19.58 -36.01
CA ARG A 388 5.77 -19.36 -34.57
C ARG A 388 4.43 -19.45 -33.87
N SER A 389 3.41 -18.79 -34.42
CA SER A 389 2.08 -18.85 -33.83
C SER A 389 1.55 -20.28 -33.76
N ASN A 390 1.69 -21.03 -34.87
CA ASN A 390 1.24 -22.41 -34.86
C ASN A 390 2.01 -23.24 -33.85
N LYS A 391 3.33 -23.04 -33.76
CA LYS A 391 4.15 -23.78 -32.81
C LYS A 391 3.72 -23.48 -31.37
N ILE A 392 3.51 -22.21 -31.03
CA ILE A 392 3.12 -21.87 -29.67
C ILE A 392 1.78 -22.49 -29.31
N LEU A 393 0.81 -22.42 -30.24
CA LEU A 393 -0.49 -23.00 -30.02
C LEU A 393 -0.35 -24.48 -29.67
N ALA A 394 0.49 -25.18 -30.41
CA ALA A 394 0.68 -26.61 -30.18
C ALA A 394 1.42 -26.87 -28.87
N MET A 395 2.44 -26.07 -28.56
CA MET A 395 3.19 -26.29 -27.34
C MET A 395 2.34 -25.96 -26.13
N ILE A 396 1.53 -24.91 -26.22
CA ILE A 396 0.71 -24.56 -25.07
C ILE A 396 -0.35 -25.61 -24.83
N LYS A 397 -0.93 -26.16 -25.90
CA LYS A 397 -1.89 -27.24 -25.70
C LYS A 397 -1.21 -28.43 -25.05
N SER A 398 0.03 -28.70 -25.41
CA SER A 398 0.75 -29.82 -24.83
C SER A 398 1.00 -29.56 -23.34
N VAL A 399 1.51 -28.38 -23.02
CA VAL A 399 1.94 -28.13 -21.64
C VAL A 399 0.71 -27.97 -20.73
N SER A 400 -0.37 -27.34 -21.22
CA SER A 400 -1.55 -27.06 -20.39
C SER A 400 -2.38 -28.28 -20.08
N ASN A 401 -2.20 -29.37 -20.82
CA ASN A 401 -2.86 -30.65 -20.58
C ASN A 401 -1.96 -31.69 -19.90
N SER A 402 -0.77 -31.31 -19.45
CA SER A 402 0.31 -32.23 -19.11
C SER A 402 0.24 -32.74 -17.67
N ILE A 403 -0.86 -32.51 -16.96
CA ILE A 403 -1.08 -33.15 -15.68
C ILE A 403 -2.28 -34.08 -15.81
N ASN A 404 -2.19 -35.21 -15.12
CA ASN A 404 -3.34 -36.09 -14.96
C ASN A 404 -3.99 -35.64 -13.67
N LEU A 405 -5.11 -34.95 -13.79
CA LEU A 405 -5.66 -34.25 -12.65
C LEU A 405 -6.33 -35.26 -11.72
N PRO A 406 -6.06 -35.21 -10.43
CA PRO A 406 -6.78 -36.09 -9.52
C PRO A 406 -8.27 -35.85 -9.58
N GLN A 407 -9.01 -36.86 -9.18
CA GLN A 407 -10.46 -36.77 -9.02
C GLN A 407 -10.79 -36.93 -7.55
N TYR A 408 -11.24 -35.85 -6.92
CA TYR A 408 -11.39 -35.83 -5.46
C TYR A 408 -12.81 -36.12 -5.00
N GLU A 409 -13.75 -36.28 -5.91
CA GLU A 409 -15.14 -36.59 -5.57
C GLU A 409 -15.56 -37.91 -6.23
N HIS B 25 29.89 3.64 14.81
CA HIS B 25 29.57 2.56 13.87
C HIS B 25 28.24 1.93 14.17
N ILE B 26 27.38 2.66 14.87
CA ILE B 26 26.06 2.16 15.21
C ILE B 26 25.15 2.45 14.03
N LYS B 27 24.68 1.39 13.39
CA LYS B 27 23.85 1.45 12.19
C LYS B 27 22.38 1.37 12.63
N ILE B 28 21.60 2.38 12.24
CA ILE B 28 20.25 2.54 12.77
C ILE B 28 19.30 2.67 11.59
N LEU B 29 18.29 1.82 11.54
CA LEU B 29 17.22 1.97 10.56
C LEU B 29 16.15 2.87 11.15
N VAL B 30 15.80 3.95 10.44
CA VAL B 30 14.70 4.81 10.84
C VAL B 30 13.55 4.59 9.84
N ILE B 31 12.37 4.22 10.34
CA ILE B 31 11.24 3.85 9.52
C ILE B 31 10.23 5.00 9.55
N GLY B 32 10.01 5.56 8.38
CA GLY B 32 9.07 6.60 8.03
C GLY B 32 9.65 7.97 7.77
N VAL B 33 9.14 8.56 6.69
CA VAL B 33 9.58 9.90 6.38
C VAL B 33 8.35 10.76 6.56
N GLY B 34 8.15 11.10 7.81
CA GLY B 34 7.24 12.07 8.38
C GLY B 34 8.00 13.21 8.99
N VAL B 35 7.52 13.59 10.17
CA VAL B 35 8.21 14.54 11.00
C VAL B 35 9.26 13.84 11.87
N ALA B 36 8.82 12.90 12.70
CA ALA B 36 9.68 12.30 13.72
C ALA B 36 10.86 11.54 13.14
N GLY B 37 10.66 10.79 12.06
CA GLY B 37 11.75 10.06 11.45
C GLY B 37 12.89 10.91 10.92
N PRO B 38 12.61 11.89 10.06
CA PRO B 38 13.69 12.75 9.58
C PRO B 38 14.31 13.56 10.72
N ALA B 39 13.50 13.95 11.70
CA ALA B 39 14.04 14.70 12.82
C ALA B 39 15.02 13.86 13.65
N VAL B 40 14.66 12.61 13.92
CA VAL B 40 15.54 11.79 14.73
C VAL B 40 16.76 11.39 13.89
N ALA B 41 16.57 11.21 12.58
CA ALA B 41 17.73 10.97 11.71
C ALA B 41 18.69 12.14 11.73
N TYR B 42 18.17 13.38 11.65
CA TYR B 42 19.00 14.57 11.76
C TYR B 42 19.83 14.55 13.06
N TRP B 43 19.18 14.41 14.21
CA TRP B 43 19.89 14.46 15.47
C TRP B 43 20.84 13.28 15.64
N LEU B 44 20.45 12.09 15.17
CA LEU B 44 21.35 10.93 15.27
C LEU B 44 22.63 11.19 14.49
N LYS B 45 22.51 11.68 13.26
CA LYS B 45 23.68 11.96 12.43
C LYS B 45 24.52 13.09 13.05
N ARG B 46 23.84 14.12 13.55
CA ARG B 46 24.55 15.20 14.21
C ARG B 46 25.37 14.69 15.40
N PHE B 47 24.84 13.69 16.13
CA PHE B 47 25.49 13.17 17.32
C PHE B 47 26.44 12.04 16.98
N GLY B 48 26.68 11.76 15.71
CA GLY B 48 27.73 10.84 15.29
C GLY B 48 27.30 9.42 14.96
N PHE B 49 26.01 9.15 14.85
CA PHE B 49 25.53 7.84 14.48
C PHE B 49 25.35 7.78 12.96
N SER B 50 24.92 6.60 12.46
CA SER B 50 24.75 6.36 11.04
C SER B 50 23.33 5.88 10.75
N PRO B 51 22.37 6.79 10.79
CA PRO B 51 21.00 6.41 10.43
C PRO B 51 20.81 6.30 8.93
N VAL B 52 19.87 5.44 8.55
CA VAL B 52 19.29 5.41 7.21
C VAL B 52 17.78 5.38 7.33
N LEU B 53 17.10 5.89 6.30
CA LEU B 53 15.66 6.07 6.30
C LEU B 53 14.97 5.19 5.27
N ILE B 54 13.76 4.74 5.60
CA ILE B 54 12.89 4.15 4.59
C ILE B 54 11.50 4.77 4.71
N GLU B 55 10.77 4.74 3.59
CA GLU B 55 9.42 5.27 3.49
C GLU B 55 8.60 4.37 2.56
N LYS B 56 7.40 4.02 2.99
CA LYS B 56 6.54 3.13 2.22
C LYS B 56 6.00 3.83 0.98
N SER B 57 5.60 5.09 1.15
CA SER B 57 5.03 5.86 0.05
CA SER B 57 5.02 5.87 0.06
C SER B 57 6.07 6.15 -1.01
N ALA B 58 5.60 6.54 -2.20
CA ALA B 58 6.51 6.83 -3.30
C ALA B 58 7.36 8.07 -3.06
N ALA B 59 6.91 8.99 -2.22
CA ALA B 59 7.53 10.30 -2.16
C ALA B 59 6.89 11.06 -1.00
N VAL B 60 7.55 12.15 -0.60
CA VAL B 60 7.00 13.01 0.44
C VAL B 60 5.64 13.52 -0.02
N ARG B 61 4.65 13.43 0.87
CA ARG B 61 3.28 13.81 0.53
C ARG B 61 3.13 15.33 0.66
N LYS B 62 2.79 16.00 -0.44
CA LYS B 62 2.71 17.46 -0.43
C LYS B 62 1.50 17.96 0.36
N GLY B 63 1.59 19.21 0.83
CA GLY B 63 0.45 19.83 1.50
C GLY B 63 0.08 19.10 2.78
N GLY B 64 -1.22 18.80 2.94
CA GLY B 64 -1.65 18.08 4.11
C GLY B 64 -2.09 18.99 5.25
N GLN B 65 -2.11 18.39 6.44
CA GLN B 65 -2.61 19.08 7.63
C GLN B 65 -1.62 20.15 8.08
N ALA B 66 -2.15 21.18 8.76
CA ALA B 66 -1.34 22.26 9.28
C ALA B 66 -0.76 21.85 10.64
N LEU B 67 0.55 21.96 10.77
CA LEU B 67 1.25 21.58 11.99
C LEU B 67 1.73 22.82 12.73
N ASP B 68 1.72 22.75 14.07
CA ASP B 68 2.19 23.84 14.92
C ASP B 68 3.54 23.51 15.51
N ILE B 69 4.36 24.54 15.66
CA ILE B 69 5.57 24.46 16.44
C ILE B 69 5.41 25.49 17.54
N ARG B 70 5.26 25.02 18.78
CA ARG B 70 5.01 25.87 19.94
C ARG B 70 6.01 25.59 21.06
N GLY B 71 6.16 26.60 21.93
CA GLY B 71 6.96 26.40 23.16
C GLY B 71 8.34 25.82 22.85
N ILE B 72 8.70 24.78 23.59
CA ILE B 72 10.07 24.25 23.53
C ILE B 72 10.43 23.75 22.15
N ALA B 73 9.45 23.40 21.31
CA ALA B 73 9.81 22.89 19.99
C ALA B 73 10.40 23.98 19.07
N THR B 74 10.07 25.26 19.30
CA THR B 74 10.69 26.30 18.48
C THR B 74 12.20 26.33 18.69
N HIS B 75 12.63 26.13 19.94
CA HIS B 75 14.06 26.04 20.22
C HIS B 75 14.70 24.88 19.46
N ILE B 76 14.04 23.72 19.45
CA ILE B 76 14.64 22.57 18.76
C ILE B 76 14.76 22.87 17.27
N ALA B 77 13.71 23.46 16.68
CA ALA B 77 13.72 23.80 15.26
C ALA B 77 14.86 24.77 14.95
N LYS B 78 15.03 25.79 15.79
CA LYS B 78 16.10 26.75 15.60
C LYS B 78 17.46 26.06 15.63
N GLU B 79 17.67 25.12 16.57
CA GLU B 79 18.96 24.45 16.69
C GLU B 79 19.23 23.54 15.51
N MET B 80 18.18 23.01 14.88
CA MET B 80 18.30 22.21 13.67
C MET B 80 18.61 23.03 12.43
N GLY B 81 18.56 24.36 12.49
CA GLY B 81 18.83 25.22 11.37
C GLY B 81 17.66 25.34 10.43
N ILE B 82 16.47 24.87 10.82
CA ILE B 82 15.33 24.87 9.92
C ILE B 82 14.30 25.95 10.23
N TYR B 83 14.47 26.69 11.30
CA TYR B 83 13.41 27.63 11.74
C TYR B 83 13.16 28.77 10.74
N ASP B 84 14.21 29.35 10.15
CA ASP B 84 13.99 30.45 9.22
C ASP B 84 13.20 29.98 8.00
N GLN B 85 13.53 28.80 7.48
CA GLN B 85 12.82 28.32 6.30
C GLN B 85 11.39 27.92 6.66
N ILE B 86 11.18 27.35 7.85
CA ILE B 86 9.81 27.11 8.32
C ILE B 86 9.03 28.40 8.31
N CYS B 87 9.61 29.48 8.84
CA CYS B 87 8.87 30.73 8.86
C CYS B 87 8.64 31.26 7.46
N ASN B 88 9.57 31.01 6.54
CA ASN B 88 9.35 31.47 5.17
C ASN B 88 8.15 30.78 4.57
N MET B 89 7.90 29.54 4.96
CA MET B 89 6.80 28.71 4.47
C MET B 89 5.56 28.74 5.37
N ARG B 90 5.51 29.64 6.36
CA ARG B 90 4.44 29.60 7.35
C ARG B 90 3.08 29.86 6.72
N THR B 91 2.05 29.29 7.33
CA THR B 91 0.68 29.64 6.97
C THR B 91 0.45 31.10 7.27
N GLN B 92 -0.33 31.74 6.40
CA GLN B 92 -0.61 33.18 6.41
C GLN B 92 -2.04 33.58 6.77
N ILE B 93 -2.81 32.77 7.49
CA ILE B 93 -4.16 33.18 7.89
C ILE B 93 -4.09 34.50 8.64
N LYS B 94 -4.81 35.49 8.16
CA LYS B 94 -4.82 36.80 8.78
C LYS B 94 -5.79 36.88 9.93
N CYS B 95 -6.94 36.23 9.77
CA CYS B 95 -8.09 36.40 10.63
C CYS B 95 -8.81 35.06 10.78
N GLY B 96 -9.10 34.62 12.00
CA GLY B 96 -10.12 33.60 12.23
C GLY B 96 -11.42 34.16 12.79
N ARG B 97 -12.52 33.49 12.47
CA ARG B 97 -13.83 33.86 12.98
C ARG B 97 -14.54 32.61 13.49
N TYR B 98 -15.03 32.69 14.72
CA TYR B 98 -16.03 31.78 15.22
C TYR B 98 -17.40 32.28 14.79
N VAL B 99 -18.18 31.41 14.12
CA VAL B 99 -19.49 31.76 13.60
C VAL B 99 -20.53 30.76 14.10
N ASP B 100 -21.78 31.20 14.27
CA ASP B 100 -22.83 30.28 14.65
C ASP B 100 -23.43 29.65 13.40
N VAL B 101 -24.41 28.77 13.55
CA VAL B 101 -24.85 28.03 12.38
C VAL B 101 -25.57 28.93 11.39
N LYS B 102 -25.94 30.15 11.79
CA LYS B 102 -26.54 31.11 10.88
C LYS B 102 -25.52 32.00 10.18
N GLY B 103 -24.23 31.82 10.46
CA GLY B 103 -23.18 32.65 9.89
C GLY B 103 -22.89 33.91 10.65
N ASN B 104 -23.53 34.14 11.79
CA ASN B 104 -23.19 35.31 12.59
C ASN B 104 -21.83 35.15 13.22
N VAL B 105 -21.06 36.22 13.16
CA VAL B 105 -19.71 36.21 13.73
C VAL B 105 -19.84 36.37 15.23
N LEU B 106 -19.40 35.35 15.95
CA LEU B 106 -19.40 35.38 17.40
C LEU B 106 -18.16 36.08 17.92
N HIS B 107 -17.01 35.75 17.36
CA HIS B 107 -15.76 36.29 17.85
C HIS B 107 -14.74 36.19 16.71
N GLU B 108 -13.90 37.21 16.58
CA GLU B 108 -12.86 37.24 15.57
C GLU B 108 -11.52 37.42 16.28
N GLU B 109 -10.48 36.77 15.77
CA GLU B 109 -9.14 36.93 16.29
C GLU B 109 -8.15 36.98 15.14
N GLN B 110 -7.03 37.64 15.38
CA GLN B 110 -5.94 37.61 14.41
C GLN B 110 -5.40 36.19 14.29
N GLY B 111 -4.78 35.92 13.13
CA GLY B 111 -4.56 34.54 12.72
C GLY B 111 -3.77 33.69 13.70
N GLU B 112 -2.64 34.21 14.21
CA GLU B 112 -1.83 33.44 15.15
C GLU B 112 -2.58 33.18 16.45
N THR B 113 -3.19 34.22 17.02
CA THR B 113 -4.00 34.02 18.24
C THR B 113 -5.11 33.02 17.98
N PHE B 114 -5.77 33.12 16.83
CA PHE B 114 -6.83 32.18 16.50
C PHE B 114 -6.32 30.75 16.53
N GLY B 115 -5.07 30.53 16.07
CA GLY B 115 -4.43 29.24 16.07
C GLY B 115 -3.72 28.90 17.36
N PHE B 116 -3.91 29.67 18.43
CA PHE B 116 -3.28 29.44 19.75
C PHE B 116 -1.74 29.46 19.69
N ARG B 117 -1.20 30.39 18.91
CA ARG B 117 0.24 30.60 18.77
C ARG B 117 0.57 32.04 19.14
N GLN B 118 1.81 32.25 19.63
CA GLN B 118 2.28 33.59 19.94
C GLN B 118 3.78 33.66 19.68
N ASP B 119 4.28 34.89 19.59
CA ASP B 119 5.72 35.16 19.58
C ASP B 119 6.41 34.36 18.49
N ASP B 120 7.37 33.51 18.83
CA ASP B 120 8.15 32.79 17.82
C ASP B 120 7.44 31.49 17.35
N GLU B 121 6.25 31.19 17.85
CA GLU B 121 5.57 29.98 17.41
C GLU B 121 5.09 30.17 15.98
N VAL B 122 4.95 29.05 15.26
CA VAL B 122 4.66 29.11 13.83
C VAL B 122 3.88 27.87 13.40
N GLU B 123 3.14 28.02 12.31
CA GLU B 123 2.35 26.94 11.74
C GLU B 123 2.76 26.72 10.28
N ILE B 124 2.81 25.47 9.86
CA ILE B 124 3.28 25.10 8.53
C ILE B 124 2.57 23.82 8.11
N LEU B 125 2.26 23.72 6.82
CA LEU B 125 1.67 22.48 6.30
C LEU B 125 2.67 21.33 6.40
N ARG B 126 2.14 20.15 6.73
CA ARG B 126 3.01 19.00 6.98
C ARG B 126 3.97 18.76 5.83
N GLY B 127 3.49 18.77 4.58
CA GLY B 127 4.38 18.43 3.49
C GLY B 127 5.47 19.46 3.27
N ASP B 128 5.17 20.72 3.56
CA ASP B 128 6.19 21.77 3.50
C ASP B 128 7.26 21.56 4.59
N LEU B 129 6.84 21.13 5.78
CA LEU B 129 7.78 20.86 6.86
C LEU B 129 8.62 19.63 6.56
N VAL B 130 8.01 18.55 6.07
CA VAL B 130 8.77 17.36 5.72
C VAL B 130 9.79 17.67 4.62
N GLU B 131 9.40 18.46 3.61
CA GLU B 131 10.34 18.87 2.56
C GLU B 131 11.55 19.59 3.16
N ILE B 132 11.30 20.49 4.12
CA ILE B 132 12.38 21.23 4.74
C ILE B 132 13.29 20.30 5.54
N LEU B 133 12.67 19.38 6.31
CA LEU B 133 13.44 18.39 7.05
C LEU B 133 14.26 17.52 6.12
N MET B 134 13.67 17.02 5.03
CA MET B 134 14.42 16.15 4.11
C MET B 134 15.53 16.91 3.40
N LYS B 135 15.34 18.19 3.08
CA LYS B 135 16.45 18.94 2.50
C LYS B 135 17.60 19.05 3.50
N ALA B 136 17.27 19.23 4.78
CA ALA B 136 18.30 19.35 5.80
C ALA B 136 19.12 18.07 5.97
N ILE B 137 18.53 16.92 5.68
CA ILE B 137 19.20 15.61 5.71
C ILE B 137 19.49 14.96 4.36
N ALA B 138 19.46 15.74 3.27
CA ALA B 138 19.35 15.18 1.91
C ALA B 138 20.36 14.06 1.62
N ASP B 139 21.51 14.04 2.27
CA ASP B 139 22.50 13.02 1.96
C ASP B 139 22.46 11.83 2.92
N ILE B 140 21.59 11.83 3.91
CA ILE B 140 21.34 10.59 4.65
C ILE B 140 20.68 9.59 3.70
N PRO B 141 21.14 8.35 3.63
CA PRO B 141 20.49 7.40 2.73
C PRO B 141 19.01 7.28 3.07
N CYS B 142 18.18 7.35 2.04
CA CYS B 142 16.75 7.23 2.19
C CYS B 142 16.17 6.49 0.99
N GLU B 143 15.37 5.46 1.25
CA GLU B 143 14.75 4.67 0.21
C GLU B 143 13.23 4.81 0.28
N PHE B 144 12.62 5.29 -0.78
CA PHE B 144 11.16 5.29 -0.86
C PHE B 144 10.65 3.96 -1.40
N LYS B 145 9.33 3.80 -1.43
CA LYS B 145 8.66 2.57 -1.82
C LYS B 145 9.30 1.36 -1.15
N GLN B 146 9.54 1.46 0.16
CA GLN B 146 10.22 0.40 0.88
C GLN B 146 9.52 0.21 2.21
N SER B 147 9.50 -1.05 2.70
CA SER B 147 8.90 -1.33 4.00
C SER B 147 9.44 -2.64 4.55
N VAL B 148 9.24 -2.81 5.84
CA VAL B 148 9.72 -3.96 6.59
C VAL B 148 8.55 -4.90 6.76
N ILE B 149 8.69 -6.14 6.32
CA ILE B 149 7.65 -7.12 6.61
C ILE B 149 7.95 -8.08 7.76
N LYS B 150 9.18 -8.11 8.28
CA LYS B 150 9.51 -8.99 9.42
C LYS B 150 10.65 -8.37 10.18
N ILE B 151 10.60 -8.49 11.51
CA ILE B 151 11.63 -8.01 12.42
C ILE B 151 11.90 -9.08 13.45
N GLU B 152 13.17 -9.42 13.61
CA GLU B 152 13.60 -10.34 14.66
C GLU B 152 14.84 -9.74 15.28
N GLN B 153 14.95 -9.84 16.59
CA GLN B 153 16.11 -9.29 17.26
C GLN B 153 16.66 -10.28 18.25
N ASN B 154 17.95 -10.16 18.51
CA ASN B 154 18.62 -10.92 19.57
C ASN B 154 19.59 -9.98 20.26
N GLU B 155 20.45 -10.53 21.13
CA GLU B 155 21.29 -9.68 21.95
C GLU B 155 22.14 -8.76 21.10
N ASP B 156 22.63 -9.24 19.95
CA ASP B 156 23.60 -8.47 19.15
C ASP B 156 23.04 -7.64 18.00
N SER B 157 21.82 -7.90 17.52
CA SER B 157 21.45 -7.34 16.23
C SER B 157 19.94 -7.35 16.11
N VAL B 158 19.43 -6.50 15.20
CA VAL B 158 18.06 -6.60 14.70
C VAL B 158 18.17 -7.03 13.25
N THR B 159 17.43 -8.09 12.88
CA THR B 159 17.35 -8.55 11.51
C THR B 159 16.01 -8.11 10.92
N VAL B 160 16.07 -7.27 9.89
CA VAL B 160 14.90 -6.76 9.19
CA VAL B 160 14.86 -6.82 9.22
C VAL B 160 14.78 -7.49 7.85
N THR B 161 13.58 -7.96 7.53
CA THR B 161 13.26 -8.44 6.20
C THR B 161 12.41 -7.39 5.50
N TYR B 162 12.86 -6.96 4.34
CA TYR B 162 12.12 -5.98 3.58
C TYR B 162 11.05 -6.67 2.73
N LYS B 163 10.22 -5.86 2.09
CA LYS B 163 9.05 -6.39 1.38
C LYS B 163 9.45 -7.37 0.29
N ASP B 164 10.58 -7.13 -0.37
CA ASP B 164 11.05 -8.03 -1.43
C ASP B 164 11.86 -9.20 -0.92
N GLY B 165 12.06 -9.34 0.39
CA GLY B 165 12.72 -10.48 0.97
C GLY B 165 14.18 -10.28 1.32
N ARG B 166 14.80 -9.20 0.83
CA ARG B 166 16.14 -8.84 1.24
C ARG B 166 16.21 -8.72 2.75
N VAL B 167 17.30 -9.17 3.32
CA VAL B 167 17.48 -9.15 4.76
C VAL B 167 18.68 -8.26 5.08
N GLU B 168 18.57 -7.52 6.17
CA GLU B 168 19.65 -6.66 6.56
C GLU B 168 19.65 -6.54 8.07
N ASN B 169 20.84 -6.31 8.62
CA ASN B 169 20.99 -6.24 10.06
C ASN B 169 21.37 -4.84 10.50
N TYR B 170 20.77 -4.41 11.58
CA TYR B 170 21.01 -3.12 12.19
C TYR B 170 21.27 -3.30 13.67
N ASP B 171 22.05 -2.38 14.24
CA ASP B 171 22.21 -2.33 15.68
C ASP B 171 20.91 -1.94 16.35
N LEU B 172 20.19 -0.96 15.77
CA LEU B 172 18.93 -0.50 16.31
C LEU B 172 17.94 -0.19 15.19
N VAL B 173 16.67 -0.24 15.55
CA VAL B 173 15.59 0.18 14.67
C VAL B 173 14.73 1.18 15.44
N ILE B 174 14.49 2.34 14.82
CA ILE B 174 13.61 3.38 15.37
C ILE B 174 12.46 3.55 14.39
N ALA B 175 11.24 3.29 14.85
CA ALA B 175 10.06 3.35 14.00
C ALA B 175 9.25 4.61 14.26
N ALA B 176 9.24 5.45 13.25
CA ALA B 176 8.54 6.72 13.09
C ALA B 176 7.34 6.64 12.15
N ASP B 177 6.72 5.47 12.05
CA ASP B 177 5.79 5.10 10.99
C ASP B 177 4.31 5.48 11.25
N GLY B 178 4.04 6.35 12.23
CA GLY B 178 2.72 6.96 12.31
C GLY B 178 1.77 6.26 13.25
N ILE B 179 0.58 6.85 13.41
CA ILE B 179 -0.32 6.40 14.46
C ILE B 179 -0.72 4.95 14.26
N HIS B 180 -0.79 4.49 13.01
CA HIS B 180 -1.19 3.11 12.68
C HIS B 180 -0.02 2.13 12.64
N SER B 181 1.12 2.48 13.24
CA SER B 181 2.39 1.81 13.09
C SER B 181 2.26 0.30 12.98
N ALA B 182 2.75 -0.23 11.85
CA ALA B 182 2.95 -1.67 11.69
C ALA B 182 4.05 -2.15 12.61
N THR B 183 5.10 -1.35 12.80
CA THR B 183 6.16 -1.79 13.68
C THR B 183 5.66 -2.05 15.09
N ARG B 184 4.84 -1.13 15.64
CA ARG B 184 4.27 -1.33 16.96
C ARG B 184 3.56 -2.69 17.03
N GLY B 185 2.74 -2.98 16.02
CA GLY B 185 1.98 -4.23 16.04
C GLY B 185 2.86 -5.46 15.85
N MET B 186 3.97 -5.30 15.14
CA MET B 186 4.86 -6.44 14.93
CA MET B 186 4.91 -6.41 14.91
C MET B 186 5.72 -6.73 16.17
N VAL B 187 6.13 -5.68 16.89
CA VAL B 187 7.08 -5.80 18.00
C VAL B 187 6.42 -6.01 19.36
N PHE B 188 5.35 -5.30 19.65
CA PHE B 188 4.71 -5.25 20.96
C PHE B 188 3.42 -6.06 20.95
N SER B 189 3.06 -6.60 22.11
CA SER B 189 1.78 -7.27 22.20
C SER B 189 0.70 -6.29 22.67
N LYS B 190 -0.56 -6.75 22.62
CA LYS B 190 -1.69 -5.88 22.94
C LYS B 190 -1.72 -5.49 24.41
N ASN B 191 -1.06 -6.28 25.24
CA ASN B 191 -0.92 -5.95 26.65
C ASN B 191 0.00 -4.77 26.89
N GLU B 192 0.84 -4.44 25.91
CA GLU B 192 1.88 -3.43 26.06
C GLU B 192 1.52 -2.06 25.50
N TYR B 193 0.35 -1.88 24.90
CA TYR B 193 -0.05 -0.55 24.46
C TYR B 193 -1.56 -0.46 24.45
N GLN B 194 -2.06 0.76 24.57
CA GLN B 194 -3.49 1.00 24.50
C GLN B 194 -3.78 2.04 23.42
N LEU B 195 -4.74 1.72 22.55
CA LEU B 195 -5.30 2.69 21.62
C LEU B 195 -6.51 3.33 22.31
N ILE B 196 -6.39 4.60 22.66
CA ILE B 196 -7.43 5.28 23.42
C ILE B 196 -8.29 6.05 22.43
N ASN B 197 -9.54 5.64 22.25
CA ASN B 197 -10.46 6.38 21.39
CA ASN B 197 -10.45 6.37 21.39
C ASN B 197 -11.10 7.50 22.17
N LEU B 198 -10.93 8.72 21.70
CA LEU B 198 -11.49 9.89 22.38
C LEU B 198 -12.95 10.09 22.04
N GLY B 199 -13.49 9.22 21.19
CA GLY B 199 -14.90 9.24 20.90
C GLY B 199 -15.32 10.15 19.78
N SER B 200 -14.45 10.36 18.79
CA SER B 200 -14.71 11.33 17.73
C SER B 200 -13.97 10.93 16.46
N TYR B 201 -14.43 11.49 15.36
CA TYR B 201 -13.75 11.39 14.08
C TYR B 201 -13.33 12.77 13.59
N VAL B 202 -12.37 12.77 12.66
CA VAL B 202 -11.86 13.96 12.02
C VAL B 202 -11.73 13.67 10.54
N SER B 203 -12.00 14.69 9.73
CA SER B 203 -11.98 14.56 8.29
C SER B 203 -11.57 15.90 7.70
N ALA B 204 -10.90 15.85 6.54
CA ALA B 204 -10.47 17.06 5.85
C ALA B 204 -10.38 16.82 4.34
N PHE B 205 -10.76 17.84 3.56
CA PHE B 205 -10.55 17.79 2.12
C PHE B 205 -10.60 19.20 1.53
N THR B 206 -10.02 19.34 0.35
CA THR B 206 -9.98 20.61 -0.35
C THR B 206 -11.09 20.74 -1.37
N ILE B 207 -11.65 21.94 -1.42
CA ILE B 207 -12.68 22.29 -2.38
C ILE B 207 -12.33 23.62 -3.04
N PRO B 208 -12.97 23.92 -4.14
CA PRO B 208 -12.93 25.28 -4.69
C PRO B 208 -13.34 26.32 -3.66
N ASN B 209 -12.74 27.51 -3.75
CA ASN B 209 -13.06 28.51 -2.73
C ASN B 209 -14.25 29.30 -3.24
N TYR B 210 -15.43 28.80 -2.90
CA TYR B 210 -16.63 29.33 -3.50
C TYR B 210 -17.15 30.53 -2.72
N LEU B 211 -16.69 30.70 -1.48
CA LEU B 211 -17.00 31.88 -0.69
C LEU B 211 -16.02 33.03 -0.93
N GLY B 212 -14.90 32.76 -1.60
CA GLY B 212 -13.90 33.79 -1.79
C GLY B 212 -13.25 34.23 -0.50
N LEU B 213 -13.04 33.28 0.42
CA LEU B 213 -12.24 33.56 1.62
C LEU B 213 -10.85 33.99 1.22
N ASP B 214 -10.34 35.01 1.91
CA ASP B 214 -9.02 35.57 1.60
C ASP B 214 -8.20 35.48 2.90
N HIS B 215 -7.29 34.53 2.96
CA HIS B 215 -6.46 34.32 4.16
C HIS B 215 -7.28 34.43 5.44
N MET B 216 -8.39 33.68 5.46
CA MET B 216 -9.35 33.69 6.56
C MET B 216 -9.81 32.28 6.82
N GLU B 217 -10.03 31.97 8.10
CA GLU B 217 -10.58 30.70 8.54
C GLU B 217 -11.86 30.98 9.31
N LEU B 218 -12.85 30.16 9.06
CA LEU B 218 -14.13 30.21 9.73
C LEU B 218 -14.34 28.89 10.45
N LEU B 219 -14.87 28.97 11.67
CA LEU B 219 -15.06 27.80 12.51
C LEU B 219 -16.47 27.87 13.08
N CYS B 220 -17.27 26.83 12.81
CA CYS B 220 -18.65 26.71 13.29
C CYS B 220 -18.79 25.48 14.20
N GLU B 221 -19.31 25.69 15.40
CA GLU B 221 -19.40 24.64 16.42
C GLU B 221 -20.85 24.41 16.77
N SER B 222 -21.34 23.19 16.57
CA SER B 222 -22.70 22.88 17.01
C SER B 222 -22.89 21.43 17.39
N ASN B 223 -23.59 21.20 18.49
CA ASN B 223 -24.14 19.87 18.79
C ASN B 223 -23.07 18.78 18.65
N HIS B 224 -21.98 18.95 19.40
CA HIS B 224 -20.92 17.94 19.44
C HIS B 224 -20.23 17.75 18.10
N LYS B 225 -20.29 18.76 17.23
CA LYS B 225 -19.67 18.71 15.91
C LYS B 225 -19.06 20.07 15.61
N LEU B 226 -18.05 20.05 14.73
CA LEU B 226 -17.30 21.24 14.38
C LEU B 226 -16.99 21.23 12.88
N VAL B 227 -17.07 22.39 12.22
CA VAL B 227 -16.70 22.48 10.80
C VAL B 227 -15.85 23.72 10.62
N THR B 228 -14.75 23.58 9.87
CA THR B 228 -13.87 24.71 9.58
C THR B 228 -13.73 24.81 8.09
N LEU B 229 -13.58 26.04 7.63
CA LEU B 229 -13.29 26.30 6.23
C LEU B 229 -12.28 27.45 6.16
N GLN B 230 -11.21 27.27 5.42
CA GLN B 230 -10.26 28.38 5.25
C GLN B 230 -9.73 28.38 3.84
N SER B 231 -9.20 29.54 3.44
CA SER B 231 -8.36 29.66 2.25
C SER B 231 -7.10 30.42 2.62
N ASP B 232 -5.94 29.90 2.19
CA ASP B 232 -4.71 30.65 2.45
C ASP B 232 -3.83 30.87 1.22
N SER B 233 -2.99 29.90 0.91
CA SER B 233 -1.97 30.14 -0.09
C SER B 233 -2.49 29.99 -1.51
N GLN B 234 -3.60 29.29 -1.69
CA GLN B 234 -4.22 29.15 -3.01
C GLN B 234 -5.55 29.88 -2.99
N ALA B 235 -5.62 31.03 -3.66
CA ALA B 235 -6.83 31.85 -3.62
C ALA B 235 -8.02 31.10 -4.20
N ASP B 236 -7.80 30.14 -5.09
CA ASP B 236 -8.90 29.43 -5.73
C ASP B 236 -9.36 28.20 -4.95
N LYS B 237 -8.73 27.90 -3.82
CA LYS B 237 -9.02 26.70 -3.05
C LYS B 237 -9.35 27.03 -1.59
N ALA B 238 -10.07 26.12 -0.96
CA ALA B 238 -10.39 26.20 0.46
C ALA B 238 -10.26 24.80 1.04
N MET B 239 -9.75 24.75 2.26
CA MET B 239 -9.59 23.52 2.99
C MET B 239 -10.72 23.43 4.01
N ALA B 240 -11.48 22.37 3.91
CA ALA B 240 -12.56 22.05 4.83
C ALA B 240 -12.07 21.08 5.88
N GLY B 241 -12.58 21.21 7.10
CA GLY B 241 -12.35 20.19 8.09
C GLY B 241 -13.57 19.97 8.97
N PHE B 242 -13.66 18.75 9.48
CA PHE B 242 -14.82 18.25 10.21
C PHE B 242 -14.35 17.47 11.42
N MET B 243 -15.00 17.69 12.55
CA MET B 243 -14.80 16.84 13.70
C MET B 243 -16.18 16.56 14.31
N PHE B 244 -16.40 15.31 14.71
CA PHE B 244 -17.71 14.98 15.27
C PHE B 244 -17.58 13.82 16.24
N ARG B 245 -18.43 13.85 17.27
CA ARG B 245 -18.55 12.78 18.25
C ARG B 245 -19.09 11.51 17.60
N SER B 246 -18.61 10.37 18.09
CA SER B 246 -19.17 9.07 17.73
C SER B 246 -19.41 8.23 18.99
N LYS B 247 -19.93 7.02 18.79
CA LYS B 247 -20.12 6.07 19.87
C LYS B 247 -20.00 4.65 19.33
N ASP B 255 -12.09 2.23 4.30
CA ASP B 255 -12.61 2.45 2.93
C ASP B 255 -13.12 3.89 2.61
N GLU B 256 -12.42 4.57 1.70
CA GLU B 256 -12.61 6.00 1.50
C GLU B 256 -14.02 6.32 1.00
N GLN B 257 -14.57 5.50 0.10
CA GLN B 257 -15.89 5.80 -0.44
C GLN B 257 -16.95 5.76 0.66
N GLU B 258 -16.84 4.81 1.58
CA GLU B 258 -17.80 4.76 2.66
C GLU B 258 -17.57 5.88 3.66
N GLN B 259 -16.29 6.18 3.96
CA GLN B 259 -15.96 7.32 4.82
C GLN B 259 -16.61 8.58 4.29
N LYS B 260 -16.55 8.78 2.98
CA LYS B 260 -17.16 9.98 2.41
C LYS B 260 -18.66 9.98 2.63
N HIS B 261 -19.32 8.87 2.32
CA HIS B 261 -20.76 8.84 2.54
C HIS B 261 -21.08 8.98 4.01
N PHE B 262 -20.25 8.37 4.88
CA PHE B 262 -20.49 8.46 6.32
C PHE B 262 -20.34 9.91 6.80
N LEU B 263 -19.29 10.60 6.34
CA LEU B 263 -19.13 11.99 6.74
C LEU B 263 -20.31 12.82 6.29
N HIS B 264 -20.75 12.62 5.05
CA HIS B 264 -21.91 13.35 4.52
C HIS B 264 -23.12 13.13 5.41
N ALA B 265 -23.40 11.87 5.76
CA ALA B 265 -24.55 11.59 6.64
C ALA B 265 -24.40 12.27 7.99
N SER B 266 -23.19 12.23 8.56
CA SER B 266 -22.96 12.71 9.91
C SER B 266 -23.18 14.21 10.03
N PHE B 267 -23.06 14.96 8.94
CA PHE B 267 -23.30 16.40 8.95
C PHE B 267 -24.65 16.81 8.41
N GLN B 268 -25.55 15.87 8.14
CA GLN B 268 -26.91 16.27 7.89
C GLN B 268 -27.45 16.98 9.12
N ASN B 269 -28.20 18.04 8.90
CA ASN B 269 -28.86 18.75 9.98
C ASN B 269 -27.86 19.62 10.74
N PHE B 270 -26.60 19.68 10.33
CA PHE B 270 -25.68 20.61 10.97
C PHE B 270 -26.04 22.05 10.66
N GLY B 271 -26.35 22.35 9.40
CA GLY B 271 -26.61 23.71 8.97
C GLY B 271 -25.39 24.41 8.41
N TRP B 272 -25.40 25.74 8.52
CA TRP B 272 -24.34 26.63 8.07
C TRP B 272 -24.03 26.30 6.61
N GLU B 273 -22.78 26.17 6.22
CA GLU B 273 -22.34 25.96 4.86
C GLU B 273 -22.17 24.49 4.49
N THR B 274 -22.57 23.58 5.36
CA THR B 274 -22.14 22.19 5.23
C THR B 274 -22.70 21.56 3.95
N GLN B 275 -23.94 21.88 3.57
CA GLN B 275 -24.47 21.38 2.30
C GLN B 275 -23.59 21.84 1.13
N ASN B 276 -23.17 23.11 1.13
CA ASN B 276 -22.35 23.63 0.05
C ASN B 276 -20.96 22.99 0.04
N ILE B 277 -20.38 22.77 1.23
CA ILE B 277 -19.07 22.12 1.32
C ILE B 277 -19.17 20.66 0.92
N LEU B 278 -20.11 19.94 1.51
CA LEU B 278 -20.20 18.51 1.24
C LEU B 278 -20.51 18.24 -0.22
N ASN B 279 -21.23 19.14 -0.88
CA ASN B 279 -21.53 18.93 -2.29
C ASN B 279 -20.28 18.95 -3.16
N ARG B 280 -19.16 19.47 -2.65
CA ARG B 280 -17.89 19.46 -3.36
C ARG B 280 -16.96 18.34 -2.91
N MET B 281 -17.42 17.47 -1.98
CA MET B 281 -16.56 16.42 -1.43
C MET B 281 -16.23 15.35 -2.46
N PRO B 282 -17.18 14.84 -3.23
CA PRO B 282 -16.86 13.69 -4.11
C PRO B 282 -15.70 13.99 -5.04
N GLU B 283 -15.57 15.24 -5.49
CA GLU B 283 -14.51 15.67 -6.40
C GLU B 283 -13.16 15.85 -5.72
N SER B 284 -13.12 15.96 -4.39
CA SER B 284 -11.88 16.24 -3.68
C SER B 284 -10.91 15.06 -3.76
N ASP B 285 -9.67 15.35 -4.15
CA ASP B 285 -8.61 14.36 -4.35
C ASP B 285 -7.67 14.17 -3.15
N ASP B 286 -7.72 15.04 -2.14
CA ASP B 286 -6.89 14.98 -0.93
C ASP B 286 -7.63 14.47 0.32
N PHE B 287 -8.76 13.80 0.15
CA PHE B 287 -9.61 13.43 1.28
C PHE B 287 -8.84 12.71 2.39
N TYR B 288 -9.20 13.02 3.63
CA TYR B 288 -8.63 12.37 4.81
C TYR B 288 -9.74 12.10 5.81
N PHE B 289 -9.73 10.91 6.42
CA PHE B 289 -10.70 10.56 7.45
C PHE B 289 -10.07 9.60 8.45
N ASP B 290 -10.25 9.86 9.75
CA ASP B 290 -9.79 8.90 10.75
C ASP B 290 -10.48 9.10 12.09
N ALA B 291 -10.40 8.06 12.92
CA ALA B 291 -10.72 8.19 14.33
C ALA B 291 -9.73 9.13 15.01
N ILE B 292 -10.19 9.77 16.07
CA ILE B 292 -9.35 10.57 16.94
C ILE B 292 -8.92 9.68 18.11
N THR B 293 -7.63 9.33 18.14
CA THR B 293 -7.14 8.30 19.04
C THR B 293 -5.78 8.70 19.58
N GLN B 294 -5.50 8.24 20.79
CA GLN B 294 -4.19 8.43 21.40
C GLN B 294 -3.52 7.07 21.61
N ILE B 295 -2.19 7.05 21.60
CA ILE B 295 -1.39 5.85 21.84
C ILE B 295 -0.79 5.99 23.23
N LYS B 296 -1.06 5.03 24.11
CA LYS B 296 -0.46 5.02 25.44
C LYS B 296 0.31 3.71 25.63
N MET B 297 1.60 3.84 25.94
CA MET B 297 2.49 2.70 26.14
C MET B 297 3.33 2.93 27.39
N LYS B 298 3.43 1.92 28.24
CA LYS B 298 4.32 2.02 29.40
C LYS B 298 5.77 2.18 28.96
N SER B 299 6.15 1.48 27.91
CA SER B 299 7.46 1.56 27.31
C SER B 299 7.34 1.68 25.80
N TRP B 300 8.02 2.67 25.22
CA TRP B 300 8.09 2.85 23.79
C TRP B 300 9.18 1.99 23.17
N THR B 301 9.87 1.19 23.96
CA THR B 301 11.03 0.45 23.51
C THR B 301 10.93 -0.99 23.94
N LYS B 302 11.49 -1.85 23.10
CA LYS B 302 11.71 -3.25 23.42
C LYS B 302 13.06 -3.68 22.85
N GLY B 303 13.99 -4.05 23.72
CA GLY B 303 15.29 -4.48 23.22
C GLY B 303 15.98 -3.36 22.46
N ARG B 304 16.28 -3.66 21.20
CA ARG B 304 16.99 -2.78 20.28
C ARG B 304 16.04 -1.96 19.41
N ILE B 305 14.75 -2.00 19.67
CA ILE B 305 13.75 -1.29 18.87
C ILE B 305 13.09 -0.21 19.73
N ALA B 306 12.93 0.97 19.14
CA ALA B 306 12.21 2.07 19.76
C ALA B 306 11.15 2.62 18.82
N LEU B 307 10.04 3.05 19.38
CA LEU B 307 9.00 3.81 18.68
C LEU B 307 9.12 5.28 19.01
N ILE B 308 8.81 6.13 18.02
CA ILE B 308 8.88 7.57 18.22
C ILE B 308 7.75 8.24 17.44
N GLY B 309 7.41 9.47 17.83
CA GLY B 309 6.37 10.15 17.11
C GLY B 309 5.00 9.55 17.42
N ASP B 310 4.08 9.72 16.46
CA ASP B 310 2.72 9.24 16.65
C ASP B 310 2.65 7.72 16.91
N ALA B 311 3.58 6.95 16.35
CA ALA B 311 3.60 5.51 16.60
C ALA B 311 3.66 5.18 18.08
N ALA B 312 4.44 5.96 18.83
CA ALA B 312 4.56 5.77 20.26
C ALA B 312 3.51 6.48 21.08
N TYR B 313 3.33 7.76 20.81
CA TYR B 313 2.66 8.66 21.75
C TYR B 313 1.54 9.55 21.18
N CYS B 314 0.95 9.21 20.04
CA CYS B 314 0.10 10.20 19.37
C CYS B 314 -0.85 10.85 20.37
N PRO B 315 -0.81 12.19 20.50
CA PRO B 315 -1.76 12.92 21.35
C PRO B 315 -3.15 13.19 20.76
N SER B 316 -3.29 12.96 19.45
CA SER B 316 -4.48 13.13 18.64
C SER B 316 -4.65 14.57 18.17
N PRO B 317 -5.34 14.77 17.05
CA PRO B 317 -5.52 16.13 16.53
C PRO B 317 -6.29 17.05 17.46
N LEU B 318 -6.98 16.53 18.47
CA LEU B 318 -7.63 17.42 19.41
C LEU B 318 -6.63 18.11 20.33
N SER B 319 -5.39 17.61 20.38
CA SER B 319 -4.34 18.24 21.20
C SER B 319 -3.65 19.39 20.48
N GLY B 320 -3.48 19.27 19.16
CA GLY B 320 -2.63 20.18 18.42
C GLY B 320 -1.15 20.10 18.76
N GLN B 321 -0.75 19.13 19.59
CA GLN B 321 0.63 19.00 20.07
C GLN B 321 1.44 17.91 19.37
N GLY B 322 0.88 17.19 18.40
CA GLY B 322 1.56 16.03 17.85
C GLY B 322 2.93 16.36 17.28
N ASN B 323 3.00 17.43 16.49
CA ASN B 323 4.26 17.85 15.90
C ASN B 323 5.28 18.19 16.98
N ASN B 324 4.84 18.90 18.03
CA ASN B 324 5.72 19.23 19.14
C ASN B 324 6.31 17.95 19.75
N LEU B 325 5.47 16.94 19.97
CA LEU B 325 5.94 15.72 20.59
CA LEU B 325 5.96 15.71 20.59
C LEU B 325 6.92 14.97 19.69
N ALA B 326 6.73 15.06 18.37
CA ALA B 326 7.68 14.48 17.42
C ALA B 326 9.05 15.12 17.55
N PHE B 327 9.09 16.46 17.53
CA PHE B 327 10.36 17.18 17.67
C PHE B 327 11.05 16.85 18.98
N VAL B 328 10.32 16.89 20.10
CA VAL B 328 10.95 16.69 21.41
C VAL B 328 11.45 15.25 21.54
N GLY B 329 10.64 14.28 21.11
CA GLY B 329 11.05 12.89 21.18
C GLY B 329 12.27 12.59 20.35
N ALA B 330 12.34 13.15 19.13
CA ALA B 330 13.51 12.98 18.28
C ALA B 330 14.78 13.45 18.98
N TYR B 331 14.72 14.64 19.57
CA TYR B 331 15.87 15.22 20.25
C TYR B 331 16.30 14.37 21.46
N ILE B 332 15.36 13.96 22.30
CA ILE B 332 15.68 13.22 23.51
C ILE B 332 16.19 11.83 23.16
N LEU B 333 15.53 11.14 22.23
CA LEU B 333 16.00 9.78 21.93
C LEU B 333 17.45 9.83 21.43
N ALA B 334 17.74 10.71 20.47
CA ALA B 334 19.10 10.76 19.92
C ALA B 334 20.09 11.24 20.96
N GLY B 335 19.68 12.22 21.75
CA GLY B 335 20.55 12.72 22.79
C GLY B 335 20.89 11.68 23.84
N GLU B 336 19.90 10.91 24.29
CA GLU B 336 20.19 9.89 25.31
C GLU B 336 21.03 8.76 24.75
N LEU B 337 20.88 8.46 23.47
CA LEU B 337 21.80 7.51 22.84
C LEU B 337 23.22 8.06 22.80
N LYS B 338 23.37 9.35 22.50
CA LYS B 338 24.69 9.96 22.53
C LYS B 338 25.26 9.91 23.94
N LYS B 339 24.46 10.32 24.91
CA LYS B 339 24.92 10.42 26.29
C LYS B 339 25.37 9.08 26.84
N ALA B 340 24.67 8.01 26.45
CA ALA B 340 24.92 6.66 26.95
C ALA B 340 26.09 6.00 26.23
N ASP B 341 26.72 6.72 25.28
CA ASP B 341 27.86 6.20 24.55
C ASP B 341 27.47 4.98 23.73
N GLY B 342 26.28 5.02 23.15
CA GLY B 342 25.78 3.89 22.42
C GLY B 342 25.18 2.77 23.26
N ASP B 343 25.18 2.87 24.61
CA ASP B 343 24.55 1.80 25.36
C ASP B 343 23.05 2.04 25.29
N TYR B 344 22.38 1.22 24.49
CA TYR B 344 21.01 1.53 24.14
C TYR B 344 20.05 1.10 25.22
N ILE B 345 20.41 0.13 26.04
CA ILE B 345 19.54 -0.22 27.14
C ILE B 345 19.36 0.97 28.06
N GLN B 346 20.47 1.61 28.44
CA GLN B 346 20.39 2.80 29.28
C GLN B 346 19.63 3.91 28.57
N ALA B 347 19.99 4.16 27.31
CA ALA B 347 19.43 5.27 26.57
C ALA B 347 17.92 5.13 26.43
N PHE B 348 17.47 3.93 26.08
CA PHE B 348 16.03 3.70 25.93
C PHE B 348 15.32 3.88 27.26
N THR B 349 15.92 3.43 28.35
CA THR B 349 15.29 3.61 29.65
C THR B 349 15.11 5.10 29.94
N ARG B 350 16.13 5.89 29.65
CA ARG B 350 16.08 7.31 29.94
C ARG B 350 15.10 8.04 29.02
N TYR B 351 15.08 7.67 27.75
CA TYR B 351 14.07 8.19 26.82
C TYR B 351 12.68 8.04 27.40
N ASN B 352 12.34 6.83 27.85
CA ASN B 352 11.05 6.57 28.46
C ASN B 352 10.84 7.44 29.69
N GLU B 353 11.83 7.47 30.59
CA GLU B 353 11.64 8.13 31.88
C GLU B 353 11.52 9.63 31.73
N LEU B 354 12.38 10.23 30.90
CA LEU B 354 12.42 11.68 30.78
C LEU B 354 11.20 12.21 30.04
N LEU B 355 10.70 11.48 29.04
CA LEU B 355 9.65 12.04 28.17
C LEU B 355 8.23 11.65 28.54
N HIS B 356 8.00 10.61 29.34
CA HIS B 356 6.63 10.20 29.60
C HIS B 356 5.80 11.28 30.27
N PRO B 357 6.30 12.01 31.26
CA PRO B 357 5.47 13.05 31.87
C PRO B 357 5.00 14.10 30.88
N PHE B 358 5.91 14.60 30.01
CA PHE B 358 5.54 15.61 29.00
C PHE B 358 4.51 15.05 28.02
N VAL B 359 4.73 13.82 27.57
CA VAL B 359 3.74 13.19 26.70
C VAL B 359 2.38 13.13 27.40
N GLU B 360 2.38 12.70 28.66
CA GLU B 360 1.12 12.56 29.38
C GLU B 360 0.44 13.91 29.54
N ALA B 361 1.20 14.95 29.86
CA ALA B 361 0.57 16.26 29.98
C ALA B 361 -0.08 16.69 28.67
N ASN B 362 0.61 16.46 27.55
CA ASN B 362 0.08 16.89 26.26
C ASN B 362 -1.12 16.04 25.84
N GLN B 363 -1.10 14.73 26.12
CA GLN B 363 -2.27 13.90 25.82
C GLN B 363 -3.47 14.29 26.68
N GLN B 364 -3.24 14.53 27.96
CA GLN B 364 -4.31 14.99 28.83
C GLN B 364 -4.88 16.33 28.37
N PHE B 365 -4.05 17.20 27.80
CA PHE B 365 -4.57 18.43 27.21
C PHE B 365 -5.56 18.12 26.09
N GLY B 366 -5.23 17.16 25.24
CA GLY B 366 -6.16 16.75 24.21
C GLY B 366 -7.46 16.26 24.80
N VAL B 367 -7.38 15.46 25.86
CA VAL B 367 -8.59 14.97 26.51
C VAL B 367 -9.39 16.16 27.05
N TRP B 368 -8.68 17.14 27.61
CA TRP B 368 -9.32 18.32 28.17
C TRP B 368 -10.00 19.16 27.10
N VAL B 369 -9.42 19.21 25.89
CA VAL B 369 -10.10 19.87 24.77
C VAL B 369 -11.35 19.08 24.39
N SER B 370 -11.19 17.77 24.20
CA SER B 370 -12.32 16.93 23.84
CA SER B 370 -12.32 16.91 23.84
C SER B 370 -13.46 17.09 24.84
N GLU B 371 -13.16 16.91 26.12
CA GLU B 371 -14.19 16.94 27.15
C GLU B 371 -14.82 18.32 27.28
N SER B 372 -14.00 19.37 27.29
CA SER B 372 -14.51 20.74 27.44
C SER B 372 -14.22 21.59 26.20
N SER B 381 -22.30 31.26 21.90
CA SER B 381 -22.39 32.68 22.25
C SER B 381 -21.13 33.49 21.94
N LYS B 382 -21.28 34.81 21.80
CA LYS B 382 -20.12 35.69 21.66
C LYS B 382 -19.23 35.60 22.89
N GLU B 383 -19.81 35.82 24.07
CA GLU B 383 -19.04 35.71 25.30
C GLU B 383 -18.39 34.35 25.41
N ILE B 384 -19.14 33.28 25.12
CA ILE B 384 -18.63 31.93 25.30
C ILE B 384 -17.53 31.63 24.29
N ALA B 385 -17.74 31.97 23.01
CA ALA B 385 -16.68 31.77 22.03
C ALA B 385 -15.42 32.50 22.44
N GLU B 386 -15.55 33.75 22.89
CA GLU B 386 -14.34 34.49 23.28
C GLU B 386 -13.69 33.86 24.50
N ALA B 387 -14.48 33.51 25.52
CA ALA B 387 -13.89 32.88 26.70
C ALA B 387 -13.23 31.55 26.35
N ARG B 388 -13.89 30.73 25.54
CA ARG B 388 -13.29 29.45 25.14
C ARG B 388 -11.94 29.66 24.44
N SER B 389 -11.88 30.64 23.54
CA SER B 389 -10.64 30.87 22.81
C SER B 389 -9.54 31.31 23.77
N ASN B 390 -9.87 32.23 24.69
CA ASN B 390 -8.86 32.67 25.63
C ASN B 390 -8.39 31.51 26.51
N LYS B 391 -9.30 30.58 26.83
CA LYS B 391 -9.00 29.51 27.77
C LYS B 391 -8.05 28.48 27.18
N ILE B 392 -8.28 28.09 25.91
CA ILE B 392 -7.39 27.12 25.27
C ILE B 392 -5.98 27.69 25.10
N LEU B 393 -5.86 28.95 24.67
CA LEU B 393 -4.56 29.58 24.55
C LEU B 393 -3.86 29.60 25.90
N ALA B 394 -4.62 29.91 26.95
CA ALA B 394 -4.06 29.99 28.30
C ALA B 394 -3.60 28.63 28.76
N MET B 395 -4.41 27.59 28.51
CA MET B 395 -4.05 26.27 29.01
C MET B 395 -2.84 25.73 28.26
N ILE B 396 -2.78 25.95 26.96
CA ILE B 396 -1.67 25.40 26.23
C ILE B 396 -0.34 25.95 26.73
N LYS B 397 -0.34 27.13 27.37
CA LYS B 397 0.93 27.69 27.80
C LYS B 397 1.48 26.95 29.02
N SER B 398 0.62 26.20 29.72
CA SER B 398 1.09 25.36 30.83
C SER B 398 1.65 24.02 30.35
N VAL B 399 1.43 23.65 29.09
CA VAL B 399 1.88 22.35 28.55
C VAL B 399 3.10 22.50 27.63
N SER B 400 3.04 23.44 26.68
CA SER B 400 4.01 23.48 25.56
C SER B 400 5.46 23.65 26.00
N ASN B 401 5.71 24.27 27.15
CA ASN B 401 7.04 24.46 27.71
C ASN B 401 7.34 23.62 28.97
N SER B 402 6.54 22.61 29.28
CA SER B 402 6.51 21.92 30.58
C SER B 402 7.58 20.82 30.73
N ILE B 403 8.61 20.81 29.94
CA ILE B 403 9.71 19.87 30.16
C ILE B 403 10.99 20.68 30.37
N ASN B 404 11.89 20.17 31.20
CA ASN B 404 13.22 20.78 31.32
C ASN B 404 14.04 20.02 30.30
N LEU B 405 14.33 20.66 29.19
CA LEU B 405 14.94 19.94 28.09
C LEU B 405 16.40 19.67 28.44
N PRO B 406 16.86 18.43 28.40
CA PRO B 406 18.29 18.16 28.56
C PRO B 406 19.11 18.90 27.51
N GLN B 407 20.39 19.14 27.84
CA GLN B 407 21.33 19.79 26.94
C GLN B 407 22.38 18.75 26.58
N TYR B 408 22.33 18.29 25.35
CA TYR B 408 23.22 17.21 24.96
C TYR B 408 24.51 17.71 24.35
N GLU B 409 24.64 19.02 24.17
CA GLU B 409 25.85 19.62 23.65
C GLU B 409 26.30 20.73 24.59
#